data_3V0H
#
_entry.id   3V0H
#
_cell.length_a   50.665
_cell.length_b   79.852
_cell.length_c   87.927
_cell.angle_alpha   90.00
_cell.angle_beta   92.44
_cell.angle_gamma   90.00
#
_symmetry.space_group_name_H-M   'P 1 21 1'
#
loop_
_entity.id
_entity.type
_entity.pdbx_description
1 polymer 'Voltage-sensor containing phosphatase'
2 non-polymer D-MYO-INOSITOL-1,4,5-TRIPHOSPHATE
3 water water
#
_entity_poly.entity_id   1
_entity_poly.type   'polypeptide(L)'
_entity_poly.pdbx_seq_one_letter_code
;GHMKASSRRTISQNKRRYRKDGFDLDLTYVTDHVIAMSFPSSGRQSLFRNPIGEVSRFFKTKHPDKFRIYNLCSERGYDE
TKFDNHVYRVMIDDHNVPTLVDLLKFIDDAKVWMTSDPDHVIAIHSKGGKGRTGTLVSSWLLEDGKFDTAKEALEYFGSR
RTDFEVGDVFQGVETASQIRYVGYFEKIKKNYGGQLPPMKKLKVTGVTITAIQGVGRGNGSDLSMQIVSERQEVLLCKFA
EGYNCALQYDATDDCVTCEVKNCPVLAGDIKVRFMSTSKSLPRGYDNCPFYFWFNTSLVEGDHVTLKREEIDNPHKKKTW
KIYRDNFTVKLTFSDAEDI
;
_entity_poly.pdbx_strand_id   A,B
#
loop_
_chem_comp.id
_chem_comp.type
_chem_comp.name
_chem_comp.formula
I3P non-polymer D-MYO-INOSITOL-1,4,5-TRIPHOSPHATE 'C6 H15 O15 P3'
#
# COMPACT_ATOMS: atom_id res chain seq x y z
N GLN A 13 -11.44 -28.77 6.19
CA GLN A 13 -10.24 -28.07 5.66
C GLN A 13 -9.35 -29.04 4.87
N ASN A 14 -9.68 -29.21 3.59
CA ASN A 14 -8.95 -30.10 2.69
C ASN A 14 -8.29 -29.33 1.53
N LYS A 15 -7.97 -28.06 1.76
CA LYS A 15 -7.18 -27.29 0.81
C LYS A 15 -5.76 -27.87 0.79
N ARG A 16 -5.15 -27.92 -0.39
CA ARG A 16 -3.81 -28.50 -0.54
C ARG A 16 -2.76 -27.64 0.15
N ARG A 17 -2.14 -28.19 1.19
CA ARG A 17 -1.19 -27.46 2.02
C ARG A 17 0.25 -27.70 1.57
N TYR A 18 1.14 -26.80 1.97
CA TYR A 18 2.56 -26.96 1.75
C TYR A 18 3.18 -27.35 3.07
N ARG A 19 3.71 -28.57 3.15
CA ARG A 19 4.34 -29.07 4.38
C ARG A 19 5.73 -29.65 4.10
N LYS A 20 6.65 -28.80 3.64
CA LYS A 20 8.04 -29.21 3.40
C LYS A 20 9.01 -28.21 4.01
N ASP A 21 10.23 -28.67 4.25
CA ASP A 21 11.36 -27.82 4.70
C ASP A 21 11.06 -26.93 5.91
N GLY A 22 10.27 -27.44 6.85
CA GLY A 22 9.96 -26.72 8.08
C GLY A 22 8.88 -25.66 7.92
N PHE A 23 8.14 -25.74 6.82
CA PHE A 23 6.96 -24.91 6.60
C PHE A 23 5.69 -25.74 6.68
N ASP A 24 4.63 -25.15 7.24
CA ASP A 24 3.30 -25.74 7.21
C ASP A 24 2.28 -24.64 6.93
N LEU A 25 1.98 -24.45 5.64
CA LEU A 25 1.17 -23.32 5.20
C LEU A 25 0.01 -23.75 4.29
N ASP A 26 -1.09 -23.00 4.35
CA ASP A 26 -2.17 -23.16 3.39
C ASP A 26 -1.76 -22.43 2.12
N LEU A 27 -1.02 -23.15 1.29
CA LEU A 27 -0.35 -22.58 0.13
C LEU A 27 -0.21 -23.68 -0.91
N THR A 28 -0.70 -23.40 -2.11
CA THR A 28 -0.74 -24.38 -3.19
C THR A 28 0.01 -23.87 -4.41
N TYR A 29 0.93 -24.68 -4.94
CA TYR A 29 1.49 -24.42 -6.25
C TYR A 29 0.52 -24.91 -7.33
N VAL A 30 -0.26 -23.98 -7.87
CA VAL A 30 -1.17 -24.31 -8.98
C VAL A 30 -0.33 -24.73 -10.18
N THR A 31 0.71 -23.94 -10.46
CA THR A 31 1.83 -24.38 -11.32
C THR A 31 3.12 -24.14 -10.55
N ASP A 32 4.25 -24.47 -11.17
CA ASP A 32 5.55 -24.22 -10.56
C ASP A 32 5.80 -22.74 -10.29
N HIS A 33 5.11 -21.86 -11.02
CA HIS A 33 5.35 -20.42 -10.89
C HIS A 33 4.10 -19.63 -10.49
N VAL A 34 3.01 -20.34 -10.19
CA VAL A 34 1.74 -19.70 -9.83
C VAL A 34 1.20 -20.29 -8.54
N ILE A 35 1.21 -19.47 -7.49
CA ILE A 35 0.82 -19.89 -6.16
C ILE A 35 -0.56 -19.34 -5.78
N ALA A 36 -1.38 -20.18 -5.16
CA ALA A 36 -2.65 -19.77 -4.58
C ALA A 36 -2.62 -20.02 -3.07
N MET A 37 -3.01 -19.02 -2.29
CA MET A 37 -2.95 -19.15 -0.83
C MET A 37 -4.04 -18.32 -0.15
N SER A 38 -4.23 -18.57 1.14
CA SER A 38 -5.15 -17.77 1.95
C SER A 38 -4.44 -16.53 2.50
N PHE A 39 -5.14 -15.75 3.31
CA PHE A 39 -4.65 -14.47 3.81
C PHE A 39 -3.44 -14.61 4.75
N PRO A 40 -2.40 -13.76 4.56
CA PRO A 40 -1.28 -13.72 5.50
C PRO A 40 -1.68 -12.94 6.75
N SER A 41 -1.95 -13.68 7.82
CA SER A 41 -2.61 -13.13 9.00
C SER A 41 -1.65 -12.72 10.11
N SER A 42 -2.11 -11.80 10.95
CA SER A 42 -1.31 -11.36 12.10
C SER A 42 -2.03 -11.63 13.43
N GLY A 43 -1.24 -11.79 14.49
CA GLY A 43 -1.74 -12.04 15.86
C GLY A 43 -2.64 -13.26 15.98
N ARG A 44 -2.37 -14.29 15.17
CA ARG A 44 -3.23 -15.45 15.07
C ARG A 44 -2.66 -16.61 15.90
N GLN A 45 -3.55 -17.40 16.50
CA GLN A 45 -3.16 -18.52 17.37
C GLN A 45 -4.10 -19.74 17.28
N SER A 46 -4.07 -20.53 16.19
CA SER A 46 -3.29 -20.35 14.96
C SER A 46 -3.87 -21.34 13.96
N LEU A 47 -3.47 -22.61 14.11
CA LEU A 47 -4.04 -23.77 13.39
C LEU A 47 -4.02 -23.68 11.86
N PHE A 48 -5.14 -23.30 11.27
CA PHE A 48 -5.25 -23.20 9.81
C PHE A 48 -5.46 -21.75 9.36
N ARG A 49 -4.62 -20.87 9.90
CA ARG A 49 -4.40 -19.52 9.35
C ARG A 49 -2.89 -19.33 9.23
N ASN A 50 -2.46 -18.87 8.06
CA ASN A 50 -1.05 -18.63 7.77
C ASN A 50 -0.57 -17.39 8.49
N PRO A 51 0.44 -17.53 9.38
CA PRO A 51 1.08 -16.37 10.02
C PRO A 51 1.92 -15.58 9.02
N ILE A 52 1.67 -14.28 8.94
CA ILE A 52 2.36 -13.42 7.97
C ILE A 52 3.89 -13.58 8.02
N GLY A 53 4.43 -13.73 9.23
CA GLY A 53 5.85 -13.96 9.43
C GLY A 53 6.39 -15.18 8.71
N GLU A 54 5.64 -16.28 8.76
CA GLU A 54 6.02 -17.54 8.11
CA GLU A 54 6.05 -17.52 8.12
C GLU A 54 5.88 -17.47 6.60
N VAL A 55 4.79 -16.86 6.13
CA VAL A 55 4.56 -16.67 4.70
C VAL A 55 5.67 -15.80 4.10
N SER A 56 5.99 -14.70 4.77
CA SER A 56 7.08 -13.81 4.38
CA SER A 56 7.06 -13.84 4.33
C SER A 56 8.40 -14.59 4.29
N ARG A 57 8.70 -15.33 5.36
CA ARG A 57 9.91 -16.17 5.41
C ARG A 57 9.93 -17.19 4.28
N PHE A 58 8.77 -17.79 3.98
CA PHE A 58 8.64 -18.73 2.86
C PHE A 58 9.09 -18.12 1.55
N PHE A 59 8.53 -16.95 1.19
CA PHE A 59 8.86 -16.33 -0.09
C PHE A 59 10.30 -15.83 -0.18
N LYS A 60 10.81 -15.27 0.90
CA LYS A 60 12.20 -14.82 0.96
C LYS A 60 13.19 -15.99 0.87
N THR A 61 12.77 -17.14 1.37
CA THR A 61 13.59 -18.35 1.38
C THR A 61 13.52 -19.09 0.05
N LYS A 62 12.30 -19.33 -0.43
CA LYS A 62 12.13 -20.20 -1.58
C LYS A 62 12.12 -19.49 -2.92
N HIS A 63 11.84 -18.19 -2.91
CA HIS A 63 11.85 -17.40 -4.14
C HIS A 63 12.51 -16.03 -3.92
N PRO A 64 13.75 -16.02 -3.39
CA PRO A 64 14.36 -14.72 -3.03
C PRO A 64 14.36 -13.71 -4.17
N ASP A 65 13.82 -12.52 -3.92
CA ASP A 65 13.78 -11.44 -4.91
C ASP A 65 13.05 -11.81 -6.22
N LYS A 66 12.30 -12.92 -6.21
CA LYS A 66 11.65 -13.41 -7.43
C LYS A 66 10.15 -13.69 -7.27
N PHE A 67 9.50 -12.97 -6.36
CA PHE A 67 8.07 -13.14 -6.13
C PHE A 67 7.34 -11.83 -6.21
N ARG A 68 6.05 -11.92 -6.51
CA ARG A 68 5.13 -10.80 -6.45
C ARG A 68 3.83 -11.33 -5.84
N ILE A 69 3.29 -10.58 -4.89
CA ILE A 69 2.11 -11.01 -4.15
C ILE A 69 0.89 -10.21 -4.60
N TYR A 70 -0.23 -10.88 -4.80
CA TYR A 70 -1.50 -10.21 -5.15
C TYR A 70 -2.50 -10.38 -4.03
N ASN A 71 -2.87 -9.27 -3.40
CA ASN A 71 -3.93 -9.25 -2.38
C ASN A 71 -5.26 -8.86 -3.00
N LEU A 72 -6.19 -9.81 -3.00
CA LEU A 72 -7.49 -9.63 -3.65
C LEU A 72 -8.62 -9.17 -2.72
N CYS A 73 -8.32 -8.99 -1.44
CA CYS A 73 -9.35 -8.60 -0.48
C CYS A 73 -9.57 -7.11 -0.49
N SER A 74 -10.79 -6.69 -0.83
CA SER A 74 -11.14 -5.27 -0.67
C SER A 74 -11.21 -4.91 0.81
N GLU A 75 -11.51 -5.91 1.65
CA GLU A 75 -11.81 -5.72 3.06
C GLU A 75 -10.61 -5.44 3.97
N ARG A 76 -9.44 -5.94 3.60
CA ARG A 76 -8.28 -5.94 4.49
C ARG A 76 -6.96 -5.89 3.71
N GLY A 77 -6.07 -5.02 4.15
CA GLY A 77 -4.68 -5.05 3.74
C GLY A 77 -3.84 -5.56 4.90
N TYR A 78 -2.54 -5.31 4.84
CA TYR A 78 -1.59 -5.74 5.85
C TYR A 78 -0.26 -5.04 5.64
N ASP A 79 0.73 -5.39 6.46
CA ASP A 79 2.05 -4.80 6.34
C ASP A 79 2.78 -5.37 5.13
N GLU A 80 2.73 -4.65 4.01
CA GLU A 80 3.35 -5.12 2.76
C GLU A 80 4.88 -5.08 2.77
N THR A 81 5.46 -4.35 3.72
CA THR A 81 6.91 -4.33 3.89
C THR A 81 7.44 -5.69 4.39
N LYS A 82 6.58 -6.51 4.99
CA LYS A 82 6.95 -7.89 5.32
C LYS A 82 7.27 -8.68 4.04
N PHE A 83 6.69 -8.23 2.92
CA PHE A 83 6.97 -8.81 1.60
C PHE A 83 7.86 -7.91 0.75
N ASP A 84 8.65 -7.05 1.41
CA ASP A 84 9.56 -6.12 0.74
C ASP A 84 8.86 -5.24 -0.28
N ASN A 85 7.59 -4.92 0.01
CA ASN A 85 6.74 -4.04 -0.80
C ASN A 85 6.40 -4.58 -2.20
N HIS A 86 6.46 -5.90 -2.37
CA HIS A 86 6.15 -6.53 -3.65
C HIS A 86 4.71 -7.03 -3.64
N VAL A 87 3.78 -6.16 -3.27
CA VAL A 87 2.36 -6.50 -3.13
C VAL A 87 1.53 -5.56 -4.01
N TYR A 88 0.59 -6.14 -4.73
CA TYR A 88 -0.30 -5.42 -5.62
C TYR A 88 -1.71 -5.74 -5.17
N ARG A 89 -2.55 -4.73 -5.01
CA ARG A 89 -3.91 -4.95 -4.52
C ARG A 89 -4.97 -4.89 -5.61
N VAL A 90 -5.81 -5.92 -5.68
CA VAL A 90 -7.01 -5.92 -6.53
C VAL A 90 -8.19 -5.91 -5.57
N MET A 91 -8.96 -4.83 -5.55
CA MET A 91 -10.05 -4.68 -4.57
CA MET A 91 -10.03 -4.71 -4.55
C MET A 91 -11.30 -5.44 -5.00
N ILE A 92 -11.49 -6.65 -4.47
CA ILE A 92 -12.67 -7.47 -4.80
C ILE A 92 -13.37 -7.87 -3.51
N ASP A 93 -14.68 -7.61 -3.45
CA ASP A 93 -15.50 -8.00 -2.29
C ASP A 93 -15.67 -9.51 -2.26
N ASP A 94 -15.64 -10.08 -1.05
CA ASP A 94 -15.91 -11.50 -0.81
C ASP A 94 -17.20 -11.89 -1.53
N HIS A 95 -17.20 -13.04 -2.19
CA HIS A 95 -18.35 -13.57 -2.96
C HIS A 95 -18.72 -12.76 -4.20
N ASN A 96 -17.83 -11.84 -4.61
CA ASN A 96 -18.09 -11.01 -5.78
C ASN A 96 -16.97 -11.10 -6.81
N VAL A 97 -16.93 -10.17 -7.76
CA VAL A 97 -15.98 -10.23 -8.86
C VAL A 97 -15.22 -8.92 -9.03
N PRO A 98 -14.03 -8.97 -9.66
CA PRO A 98 -13.38 -7.74 -10.04
C PRO A 98 -14.11 -7.11 -11.21
N THR A 99 -13.95 -5.80 -11.41
CA THR A 99 -14.38 -5.21 -12.68
C THR A 99 -13.47 -5.77 -13.76
N LEU A 100 -13.97 -5.87 -15.00
CA LEU A 100 -13.09 -6.31 -16.08
C LEU A 100 -11.90 -5.37 -16.26
N VAL A 101 -12.12 -4.07 -16.07
CA VAL A 101 -11.00 -3.11 -16.08
C VAL A 101 -9.90 -3.51 -15.07
N ASP A 102 -10.30 -3.83 -13.85
CA ASP A 102 -9.34 -4.26 -12.82
C ASP A 102 -8.71 -5.61 -13.12
N LEU A 103 -9.48 -6.53 -13.70
CA LEU A 103 -8.96 -7.85 -14.07
C LEU A 103 -7.86 -7.71 -15.13
N LEU A 104 -8.09 -6.88 -16.16
CA LEU A 104 -7.10 -6.67 -17.21
CA LEU A 104 -7.09 -6.69 -17.20
C LEU A 104 -5.88 -5.93 -16.69
N LYS A 105 -6.11 -4.99 -15.75
CA LYS A 105 -4.99 -4.28 -15.09
C LYS A 105 -4.10 -5.28 -14.37
N PHE A 106 -4.74 -6.22 -13.67
CA PHE A 106 -4.04 -7.28 -12.99
C PHE A 106 -3.23 -8.16 -13.97
N ILE A 107 -3.89 -8.59 -15.04
CA ILE A 107 -3.26 -9.42 -16.06
C ILE A 107 -2.02 -8.72 -16.60
N ASP A 108 -2.11 -7.44 -16.91
CA ASP A 108 -0.95 -6.76 -17.48
C ASP A 108 0.18 -6.63 -16.47
N ASP A 109 -0.16 -6.34 -15.21
CA ASP A 109 0.85 -6.25 -14.15
C ASP A 109 1.58 -7.58 -13.96
N ALA A 110 0.83 -8.69 -13.99
CA ALA A 110 1.43 -10.02 -13.89
C ALA A 110 2.30 -10.33 -15.12
N LYS A 111 1.83 -9.93 -16.30
CA LYS A 111 2.62 -10.06 -17.54
C LYS A 111 3.95 -9.32 -17.46
N VAL A 112 3.90 -8.06 -17.04
CA VAL A 112 5.12 -7.24 -16.88
C VAL A 112 6.12 -7.96 -15.98
N TRP A 113 5.62 -8.44 -14.84
CA TRP A 113 6.44 -9.15 -13.88
C TRP A 113 6.96 -10.51 -14.38
N MET A 114 6.09 -11.29 -15.03
CA MET A 114 6.47 -12.64 -15.45
C MET A 114 7.31 -12.64 -16.72
N THR A 115 7.13 -11.63 -17.57
CA THR A 115 7.91 -11.50 -18.81
C THR A 115 9.39 -11.15 -18.53
N SER A 116 9.63 -10.51 -17.39
CA SER A 116 10.99 -10.02 -17.08
C SER A 116 11.98 -11.11 -16.64
N ASP A 117 11.47 -12.22 -16.11
CA ASP A 117 12.34 -13.33 -15.69
C ASP A 117 11.57 -14.65 -15.68
N PRO A 118 12.08 -15.66 -16.40
CA PRO A 118 11.47 -17.00 -16.43
C PRO A 118 11.34 -17.66 -15.05
N ASP A 119 12.11 -17.17 -14.07
CA ASP A 119 12.09 -17.72 -12.72
C ASP A 119 11.16 -16.97 -11.75
N HIS A 120 10.56 -15.89 -12.22
CA HIS A 120 9.63 -15.10 -11.39
C HIS A 120 8.36 -15.89 -11.07
N VAL A 121 7.85 -15.72 -9.86
CA VAL A 121 6.59 -16.35 -9.50
C VAL A 121 5.56 -15.29 -9.07
N ILE A 122 4.29 -15.67 -9.19
CA ILE A 122 3.20 -14.85 -8.65
C ILE A 122 2.46 -15.66 -7.61
N ALA A 123 2.12 -15.00 -6.49
CA ALA A 123 1.32 -15.63 -5.46
C ALA A 123 0.04 -14.83 -5.26
N ILE A 124 -1.07 -15.45 -5.60
CA ILE A 124 -2.37 -14.79 -5.58
C ILE A 124 -3.10 -15.23 -4.33
N HIS A 125 -3.53 -14.27 -3.51
CA HIS A 125 -4.26 -14.63 -2.31
C HIS A 125 -5.50 -13.79 -2.08
N SER A 126 -6.38 -14.30 -1.22
CA SER A 126 -7.55 -13.57 -0.84
C SER A 126 -7.76 -13.89 0.63
N LYS A 127 -9.01 -14.10 1.05
CA LYS A 127 -9.25 -14.54 2.43
C LYS A 127 -9.01 -16.03 2.53
N GLY A 128 -9.71 -16.80 1.69
CA GLY A 128 -9.62 -18.26 1.74
C GLY A 128 -8.85 -18.91 0.60
N GLY A 129 -8.34 -18.10 -0.33
CA GLY A 129 -7.67 -18.63 -1.51
C GLY A 129 -8.56 -19.57 -2.31
N LYS A 130 -9.82 -19.18 -2.46
CA LYS A 130 -10.82 -20.03 -3.12
C LYS A 130 -11.52 -19.26 -4.25
N GLY A 131 -12.60 -18.55 -3.92
CA GLY A 131 -13.40 -17.86 -4.94
C GLY A 131 -12.66 -16.77 -5.71
N ARG A 132 -12.24 -15.73 -5.01
CA ARG A 132 -11.57 -14.61 -5.67
C ARG A 132 -10.22 -15.03 -6.23
N THR A 133 -9.46 -15.78 -5.45
CA THR A 133 -8.16 -16.30 -5.89
C THR A 133 -8.31 -17.14 -7.16
N GLY A 134 -9.27 -18.07 -7.17
CA GLY A 134 -9.50 -18.88 -8.36
C GLY A 134 -9.91 -18.10 -9.60
N THR A 135 -10.69 -17.04 -9.39
CA THR A 135 -11.10 -16.19 -10.50
C THR A 135 -9.86 -15.63 -11.21
N LEU A 136 -8.93 -15.08 -10.44
CA LEU A 136 -7.71 -14.50 -11.05
C LEU A 136 -6.68 -15.54 -11.49
N VAL A 137 -6.50 -16.61 -10.71
CA VAL A 137 -5.60 -17.71 -11.13
C VAL A 137 -6.05 -18.30 -12.48
N SER A 138 -7.35 -18.58 -12.61
CA SER A 138 -7.89 -19.20 -13.82
C SER A 138 -7.76 -18.25 -15.02
N SER A 139 -7.96 -16.96 -14.78
CA SER A 139 -7.78 -15.95 -15.81
C SER A 139 -6.32 -15.88 -16.26
N TRP A 140 -5.40 -15.89 -15.30
CA TRP A 140 -3.97 -15.87 -15.62
C TRP A 140 -3.54 -17.09 -16.45
N LEU A 141 -4.05 -18.27 -16.08
CA LEU A 141 -3.74 -19.50 -16.82
C LEU A 141 -4.23 -19.44 -18.27
N LEU A 142 -5.39 -18.79 -18.48
CA LEU A 142 -5.88 -18.52 -19.84
C LEU A 142 -4.93 -17.58 -20.57
N GLU A 143 -4.55 -16.49 -19.92
CA GLU A 143 -3.62 -15.52 -20.51
C GLU A 143 -2.30 -16.19 -20.90
N ASP A 144 -1.84 -17.09 -20.05
CA ASP A 144 -0.53 -17.72 -20.23
C ASP A 144 -0.55 -18.88 -21.22
N GLY A 145 -1.73 -19.19 -21.75
CA GLY A 145 -1.88 -20.18 -22.81
C GLY A 145 -1.92 -21.63 -22.36
N LYS A 146 -1.94 -21.87 -21.06
CA LYS A 146 -1.99 -23.23 -20.53
C LYS A 146 -3.33 -23.91 -20.88
N PHE A 147 -4.40 -23.12 -20.89
CA PHE A 147 -5.74 -23.60 -21.24
C PHE A 147 -6.36 -22.69 -22.29
N ASP A 148 -7.26 -23.25 -23.08
CA ASP A 148 -7.99 -22.51 -24.12
C ASP A 148 -9.42 -22.17 -23.68
N THR A 149 -9.93 -22.84 -22.64
CA THR A 149 -11.29 -22.52 -22.15
C THR A 149 -11.31 -22.20 -20.66
N ALA A 150 -12.26 -21.36 -20.27
CA ALA A 150 -12.46 -21.02 -18.86
C ALA A 150 -12.81 -22.27 -18.07
N LYS A 151 -13.68 -23.10 -18.62
CA LYS A 151 -14.09 -24.34 -17.95
C LYS A 151 -12.88 -25.18 -17.53
N GLU A 152 -11.95 -25.41 -18.46
CA GLU A 152 -10.77 -26.22 -18.14
C GLU A 152 -9.85 -25.54 -17.13
N ALA A 153 -9.65 -24.23 -17.29
CA ALA A 153 -8.80 -23.46 -16.38
C ALA A 153 -9.37 -23.51 -14.97
N LEU A 154 -10.68 -23.31 -14.84
CA LEU A 154 -11.38 -23.40 -13.56
C LEU A 154 -11.27 -24.81 -12.98
N GLU A 155 -11.47 -25.82 -13.83
CA GLU A 155 -11.35 -27.21 -13.40
CA GLU A 155 -11.35 -27.21 -13.40
C GLU A 155 -9.96 -27.46 -12.81
N TYR A 156 -8.93 -26.99 -13.50
CA TYR A 156 -7.56 -27.18 -13.06
C TYR A 156 -7.28 -26.50 -11.72
N PHE A 157 -7.75 -25.26 -11.56
CA PHE A 157 -7.60 -24.58 -10.27
C PHE A 157 -8.22 -25.43 -9.16
N GLY A 158 -9.44 -25.92 -9.40
CA GLY A 158 -10.14 -26.76 -8.44
C GLY A 158 -9.37 -28.01 -8.04
N SER A 159 -8.75 -28.66 -9.03
CA SER A 159 -8.00 -29.90 -8.79
C SER A 159 -6.68 -29.68 -8.06
N ARG A 160 -6.06 -28.52 -8.27
CA ARG A 160 -4.84 -28.15 -7.57
C ARG A 160 -5.12 -27.70 -6.13
N ARG A 161 -6.13 -26.85 -5.97
CA ARG A 161 -6.43 -26.27 -4.67
C ARG A 161 -7.09 -27.27 -3.71
N THR A 162 -7.80 -28.26 -4.26
CA THR A 162 -8.44 -29.30 -3.46
C THR A 162 -7.51 -30.50 -3.28
N ASP A 163 -7.31 -30.94 -2.04
CA ASP A 163 -6.64 -32.21 -1.76
C ASP A 163 -7.72 -33.25 -1.46
N PHE A 164 -8.06 -34.04 -2.48
CA PHE A 164 -9.11 -35.06 -2.34
C PHE A 164 -8.72 -36.26 -1.46
N GLU A 165 -7.43 -36.41 -1.21
CA GLU A 165 -6.95 -37.46 -0.30
CA GLU A 165 -6.90 -37.44 -0.29
C GLU A 165 -7.22 -37.10 1.16
N VAL A 166 -7.50 -35.82 1.42
CA VAL A 166 -7.86 -35.36 2.76
C VAL A 166 -9.37 -35.34 2.93
N GLY A 167 -10.09 -34.84 1.94
CA GLY A 167 -11.55 -34.75 1.99
C GLY A 167 -12.20 -34.50 0.64
N ASP A 168 -13.53 -34.50 0.60
CA ASP A 168 -14.27 -34.39 -0.67
C ASP A 168 -14.95 -33.04 -0.92
N VAL A 169 -14.71 -32.07 -0.04
CA VAL A 169 -15.26 -30.72 -0.24
C VAL A 169 -14.46 -30.00 -1.32
N PHE A 170 -15.15 -29.56 -2.36
CA PHE A 170 -14.53 -28.84 -3.47
C PHE A 170 -14.00 -27.48 -2.99
N GLN A 171 -12.76 -27.16 -3.37
CA GLN A 171 -12.10 -25.92 -2.94
C GLN A 171 -11.73 -25.02 -4.13
N GLY A 172 -12.42 -25.22 -5.24
CA GLY A 172 -12.29 -24.35 -6.40
C GLY A 172 -13.39 -23.31 -6.42
N VAL A 173 -13.57 -22.68 -7.57
CA VAL A 173 -14.54 -21.60 -7.72
C VAL A 173 -15.94 -22.16 -7.89
N GLU A 174 -16.88 -21.59 -7.16
CA GLU A 174 -18.25 -22.05 -7.23
C GLU A 174 -19.31 -20.98 -7.50
N THR A 175 -19.12 -19.77 -6.99
CA THR A 175 -20.15 -18.74 -7.15
C THR A 175 -20.30 -18.39 -8.63
N ALA A 176 -21.54 -18.20 -9.05
CA ALA A 176 -21.87 -18.16 -10.46
C ALA A 176 -21.20 -16.98 -11.20
N SER A 177 -21.22 -15.78 -10.60
CA SER A 177 -20.62 -14.62 -11.28
C SER A 177 -19.11 -14.79 -11.45
N GLN A 178 -18.46 -15.42 -10.47
CA GLN A 178 -17.00 -15.66 -10.56
C GLN A 178 -16.70 -16.59 -11.75
N ILE A 179 -17.52 -17.63 -11.91
CA ILE A 179 -17.42 -18.51 -13.08
C ILE A 179 -17.65 -17.72 -14.38
N ARG A 180 -18.70 -16.88 -14.40
CA ARG A 180 -19.03 -16.04 -15.57
CA ARG A 180 -19.03 -16.05 -15.57
C ARG A 180 -17.89 -15.09 -15.92
N TYR A 181 -17.23 -14.54 -14.90
CA TYR A 181 -16.16 -13.57 -15.15
C TYR A 181 -14.88 -14.16 -15.77
N VAL A 182 -14.54 -15.37 -15.37
CA VAL A 182 -13.47 -16.12 -16.04
C VAL A 182 -13.90 -16.41 -17.50
N GLY A 183 -15.18 -16.73 -17.68
CA GLY A 183 -15.77 -16.88 -19.02
C GLY A 183 -15.64 -15.61 -19.83
N TYR A 184 -15.87 -14.47 -19.17
CA TYR A 184 -15.71 -13.17 -19.80
C TYR A 184 -14.28 -12.97 -20.25
N PHE A 185 -13.32 -13.36 -19.42
CA PHE A 185 -11.92 -13.25 -19.83
C PHE A 185 -11.58 -14.11 -21.05
N GLU A 186 -12.05 -15.35 -21.07
CA GLU A 186 -11.94 -16.20 -22.26
C GLU A 186 -12.43 -15.49 -23.52
N LYS A 187 -13.63 -14.90 -23.43
CA LYS A 187 -14.26 -14.22 -24.56
C LYS A 187 -13.39 -13.06 -25.02
N ILE A 188 -12.85 -12.33 -24.04
CA ILE A 188 -11.96 -11.20 -24.34
C ILE A 188 -10.69 -11.64 -25.07
N LYS A 189 -10.09 -12.73 -24.60
CA LYS A 189 -8.85 -13.23 -25.21
C LYS A 189 -9.10 -13.91 -26.57
N LYS A 190 -10.30 -14.45 -26.78
CA LYS A 190 -10.63 -15.14 -28.04
CA LYS A 190 -10.59 -15.13 -28.04
C LYS A 190 -11.18 -14.22 -29.12
N ASN A 191 -11.89 -13.18 -28.71
CA ASN A 191 -12.58 -12.31 -29.68
C ASN A 191 -12.13 -10.86 -29.73
N TYR A 192 -11.46 -10.39 -28.69
CA TYR A 192 -11.14 -8.98 -28.58
C TYR A 192 -9.66 -8.70 -28.36
N GLY A 193 -8.83 -9.70 -28.66
CA GLY A 193 -7.38 -9.57 -28.59
C GLY A 193 -6.81 -9.39 -27.20
N GLY A 194 -7.61 -9.71 -26.17
CA GLY A 194 -7.18 -9.55 -24.79
C GLY A 194 -7.56 -8.20 -24.20
N GLN A 195 -8.22 -7.36 -24.99
CA GLN A 195 -8.62 -6.05 -24.51
C GLN A 195 -10.14 -5.95 -24.42
N LEU A 196 -10.61 -4.96 -23.67
CA LEU A 196 -12.04 -4.73 -23.53
C LEU A 196 -12.73 -4.59 -24.88
N PRO A 197 -13.90 -5.23 -25.05
CA PRO A 197 -14.70 -5.04 -26.26
C PRO A 197 -15.17 -3.60 -26.39
N PRO A 198 -15.68 -3.21 -27.58
CA PRO A 198 -16.24 -1.86 -27.70
C PRO A 198 -17.27 -1.60 -26.62
N MET A 199 -17.19 -0.42 -26.01
CA MET A 199 -18.14 0.07 -25.01
C MET A 199 -19.57 -0.07 -25.52
N LYS A 200 -20.43 -0.76 -24.77
CA LYS A 200 -21.85 -0.79 -25.09
C LYS A 200 -22.64 -0.24 -23.90
N LYS A 201 -23.43 0.80 -24.13
CA LYS A 201 -24.26 1.38 -23.08
C LYS A 201 -25.70 0.92 -23.22
N LEU A 202 -26.34 0.66 -22.07
CA LEU A 202 -27.67 0.04 -22.03
C LEU A 202 -28.53 0.60 -20.90
N LYS A 203 -29.84 0.44 -21.05
CA LYS A 203 -30.79 0.71 -19.97
C LYS A 203 -31.61 -0.56 -19.77
N VAL A 204 -31.85 -0.95 -18.52
CA VAL A 204 -32.77 -2.06 -18.25
C VAL A 204 -34.20 -1.55 -18.35
N THR A 205 -35.01 -2.22 -19.18
CA THR A 205 -36.42 -1.83 -19.38
C THR A 205 -37.40 -2.88 -18.86
N GLY A 206 -36.88 -4.06 -18.54
CA GLY A 206 -37.71 -5.14 -18.05
C GLY A 206 -36.98 -6.21 -17.29
N VAL A 207 -37.65 -6.80 -16.33
CA VAL A 207 -37.13 -8.01 -15.70
C VAL A 207 -38.21 -9.09 -15.67
N THR A 208 -37.81 -10.33 -15.96
CA THR A 208 -38.71 -11.46 -15.96
C THR A 208 -38.11 -12.60 -15.16
N ILE A 209 -38.89 -13.13 -14.24
CA ILE A 209 -38.48 -14.25 -13.39
C ILE A 209 -39.45 -15.40 -13.61
N THR A 210 -38.96 -16.51 -14.15
CA THR A 210 -39.78 -17.71 -14.35
C THR A 210 -39.66 -18.66 -13.16
N ALA A 211 -40.66 -19.53 -13.02
CA ALA A 211 -40.81 -20.41 -11.85
C ALA A 211 -40.81 -19.63 -10.53
N ILE A 212 -41.72 -18.66 -10.44
CA ILE A 212 -41.83 -17.78 -9.29
C ILE A 212 -42.48 -18.43 -8.06
N GLN A 213 -43.29 -19.48 -8.29
CA GLN A 213 -43.95 -20.23 -7.20
CA GLN A 213 -43.94 -20.18 -7.18
C GLN A 213 -42.91 -20.77 -6.23
N GLY A 214 -43.15 -20.59 -4.93
CA GLY A 214 -42.26 -21.09 -3.90
C GLY A 214 -41.10 -20.16 -3.56
N VAL A 215 -41.01 -19.05 -4.28
CA VAL A 215 -39.97 -18.05 -4.06
C VAL A 215 -40.60 -16.83 -3.39
N GLY A 216 -40.30 -16.65 -2.11
CA GLY A 216 -40.97 -15.62 -1.31
C GLY A 216 -42.48 -15.85 -1.37
N ARG A 217 -43.23 -14.78 -1.62
CA ARG A 217 -44.68 -14.87 -1.84
C ARG A 217 -45.08 -15.68 -3.07
N GLY A 218 -44.14 -15.90 -3.98
CA GLY A 218 -44.42 -16.70 -5.18
C GLY A 218 -45.18 -15.97 -6.26
N ASN A 219 -45.21 -14.64 -6.17
CA ASN A 219 -45.92 -13.79 -7.12
C ASN A 219 -45.23 -12.43 -7.32
N GLY A 220 -43.98 -12.32 -6.85
CA GLY A 220 -43.18 -11.10 -7.00
C GLY A 220 -43.48 -9.97 -6.01
N SER A 221 -44.58 -10.05 -5.29
CA SER A 221 -45.03 -8.96 -4.40
C SER A 221 -44.03 -8.59 -3.30
N ASP A 222 -43.22 -9.55 -2.90
CA ASP A 222 -42.24 -9.34 -1.82
C ASP A 222 -40.90 -8.81 -2.34
N LEU A 223 -40.73 -8.83 -3.67
CA LEU A 223 -39.40 -8.56 -4.26
C LEU A 223 -39.10 -7.11 -4.59
N SER A 224 -37.81 -6.78 -4.56
CA SER A 224 -37.28 -5.51 -5.02
C SER A 224 -35.99 -5.80 -5.78
N MET A 225 -35.57 -4.87 -6.63
CA MET A 225 -34.35 -5.05 -7.43
C MET A 225 -33.50 -3.79 -7.33
N GLN A 226 -32.24 -3.97 -7.00
CA GLN A 226 -31.31 -2.86 -6.92
C GLN A 226 -30.25 -3.03 -7.99
N ILE A 227 -30.00 -1.97 -8.75
CA ILE A 227 -28.92 -1.98 -9.72
C ILE A 227 -27.76 -1.15 -9.16
N VAL A 228 -26.58 -1.75 -9.18
CA VAL A 228 -25.38 -1.15 -8.61
C VAL A 228 -24.33 -1.01 -9.69
N SER A 229 -23.78 0.19 -9.81
CA SER A 229 -22.72 0.47 -10.77
C SER A 229 -21.62 1.21 -10.05
N GLU A 230 -20.38 0.72 -10.19
CA GLU A 230 -19.21 1.35 -9.55
C GLU A 230 -19.45 1.57 -8.03
N ARG A 231 -19.95 0.52 -7.39
CA ARG A 231 -20.20 0.48 -5.94
C ARG A 231 -21.30 1.47 -5.47
N GLN A 232 -22.10 1.96 -6.40
CA GLN A 232 -23.22 2.84 -6.06
C GLN A 232 -24.54 2.33 -6.62
N GLU A 233 -25.60 2.49 -5.82
CA GLU A 233 -26.96 2.24 -6.32
C GLU A 233 -27.27 3.26 -7.40
N VAL A 234 -27.70 2.78 -8.55
CA VAL A 234 -28.12 3.67 -9.63
C VAL A 234 -29.60 3.52 -9.96
N LEU A 235 -30.21 2.46 -9.45
CA LEU A 235 -31.65 2.26 -9.58
C LEU A 235 -32.20 1.31 -8.52
N LEU A 236 -33.38 1.63 -8.00
CA LEU A 236 -34.12 0.72 -7.14
C LEU A 236 -35.57 0.56 -7.66
N CYS A 237 -36.01 -0.68 -7.77
CA CYS A 237 -37.38 -1.00 -8.13
C CYS A 237 -38.00 -1.85 -7.03
N LYS A 238 -39.17 -1.44 -6.55
CA LYS A 238 -39.93 -2.25 -5.61
C LYS A 238 -41.22 -2.67 -6.28
N PHE A 239 -41.37 -3.98 -6.47
CA PHE A 239 -42.33 -4.55 -7.41
C PHE A 239 -43.80 -4.33 -7.05
N ALA A 240 -44.22 -4.78 -5.87
CA ALA A 240 -45.62 -4.70 -5.43
C ALA A 240 -46.16 -3.27 -5.44
N GLU A 241 -45.27 -2.34 -5.10
CA GLU A 241 -45.60 -0.94 -4.88
CA GLU A 241 -45.61 -0.94 -4.89
C GLU A 241 -45.58 -0.11 -6.18
N GLY A 242 -44.86 -0.60 -7.20
CA GLY A 242 -44.73 0.13 -8.45
C GLY A 242 -43.73 1.26 -8.37
N TYR A 243 -42.73 1.08 -7.51
CA TYR A 243 -41.64 2.04 -7.30
C TYR A 243 -40.65 1.84 -8.43
N ASN A 244 -40.58 2.82 -9.34
CA ASN A 244 -39.78 2.72 -10.58
C ASN A 244 -40.09 1.47 -11.42
N CYS A 245 -41.34 0.98 -11.35
CA CYS A 245 -41.70 -0.23 -12.09
C CYS A 245 -43.20 -0.52 -12.16
N ALA A 246 -43.55 -1.55 -12.92
CA ALA A 246 -44.93 -2.04 -13.05
C ALA A 246 -44.90 -3.57 -13.12
N LEU A 247 -45.47 -4.19 -12.09
CA LEU A 247 -45.43 -5.64 -11.90
C LEU A 247 -46.63 -6.36 -12.54
N GLN A 248 -46.35 -7.48 -13.19
CA GLN A 248 -47.38 -8.34 -13.76
CA GLN A 248 -47.39 -8.35 -13.74
C GLN A 248 -47.10 -9.79 -13.38
N TYR A 249 -48.05 -10.42 -12.69
CA TYR A 249 -47.93 -11.81 -12.29
C TYR A 249 -48.85 -12.67 -13.16
N ASP A 250 -48.30 -13.74 -13.72
CA ASP A 250 -49.08 -14.71 -14.50
C ASP A 250 -49.05 -16.06 -13.78
N ALA A 251 -50.14 -16.37 -13.09
CA ALA A 251 -50.25 -17.60 -12.32
C ALA A 251 -50.13 -18.87 -13.16
N THR A 252 -50.71 -18.86 -14.36
CA THR A 252 -50.70 -20.06 -15.20
C THR A 252 -49.32 -20.34 -15.82
N ASP A 253 -48.55 -19.28 -16.10
CA ASP A 253 -47.19 -19.45 -16.62
C ASP A 253 -46.11 -19.47 -15.53
N ASP A 254 -46.53 -19.29 -14.28
CA ASP A 254 -45.63 -19.31 -13.11
C ASP A 254 -44.46 -18.32 -13.25
N CYS A 255 -44.75 -17.12 -13.75
CA CYS A 255 -43.71 -16.11 -13.97
C CYS A 255 -44.18 -14.72 -13.56
N VAL A 256 -43.21 -13.87 -13.21
CA VAL A 256 -43.50 -12.45 -13.02
C VAL A 256 -42.75 -11.64 -14.07
N THR A 257 -43.41 -10.61 -14.59
CA THR A 257 -42.79 -9.70 -15.53
C THR A 257 -42.94 -8.29 -15.01
N CYS A 258 -41.83 -7.57 -14.93
CA CYS A 258 -41.83 -6.23 -14.38
C CYS A 258 -41.25 -5.25 -15.39
N GLU A 259 -42.03 -4.24 -15.77
CA GLU A 259 -41.52 -3.14 -16.57
C GLU A 259 -40.66 -2.24 -15.68
N VAL A 260 -39.44 -1.98 -16.10
CA VAL A 260 -38.51 -1.19 -15.31
C VAL A 260 -38.47 0.24 -15.85
N LYS A 261 -38.78 1.20 -14.99
CA LYS A 261 -38.82 2.61 -15.38
C LYS A 261 -37.61 3.39 -14.85
N ASN A 262 -37.23 4.42 -15.60
CA ASN A 262 -36.26 5.43 -15.14
C ASN A 262 -34.84 4.91 -14.93
N CYS A 263 -34.51 3.78 -15.55
CA CYS A 263 -33.15 3.27 -15.47
C CYS A 263 -32.20 4.23 -16.18
N PRO A 264 -31.14 4.67 -15.50
CA PRO A 264 -30.12 5.49 -16.15
C PRO A 264 -29.26 4.64 -17.08
N VAL A 265 -28.43 5.29 -17.87
CA VAL A 265 -27.51 4.61 -18.77
CA VAL A 265 -27.52 4.61 -18.77
C VAL A 265 -26.53 3.75 -17.97
N LEU A 266 -26.46 2.47 -18.31
CA LEU A 266 -25.52 1.57 -17.64
C LEU A 266 -24.34 1.26 -18.55
N ALA A 267 -23.15 1.20 -17.96
CA ALA A 267 -21.92 0.87 -18.68
C ALA A 267 -21.00 0.09 -17.78
N GLY A 268 -20.35 -0.93 -18.33
CA GLY A 268 -19.35 -1.67 -17.59
C GLY A 268 -19.99 -2.77 -16.75
N ASP A 269 -19.41 -3.02 -15.59
CA ASP A 269 -19.83 -4.10 -14.70
C ASP A 269 -20.97 -3.68 -13.78
N ILE A 270 -22.08 -4.40 -13.92
CA ILE A 270 -23.32 -4.07 -13.25
C ILE A 270 -23.66 -5.22 -12.32
N LYS A 271 -23.92 -4.89 -11.06
CA LYS A 271 -24.40 -5.85 -10.09
C LYS A 271 -25.88 -5.62 -9.87
N VAL A 272 -26.66 -6.70 -9.97
CA VAL A 272 -28.11 -6.65 -9.78
C VAL A 272 -28.46 -7.52 -8.57
N ARG A 273 -29.06 -6.90 -7.55
CA ARG A 273 -29.41 -7.58 -6.31
C ARG A 273 -30.92 -7.66 -6.16
N PHE A 274 -31.43 -8.82 -5.80
CA PHE A 274 -32.85 -8.99 -5.52
C PHE A 274 -33.04 -9.22 -4.03
N MET A 275 -33.89 -8.38 -3.44
CA MET A 275 -34.15 -8.40 -2.00
C MET A 275 -35.61 -8.78 -1.80
N SER A 276 -35.92 -9.27 -0.61
CA SER A 276 -37.26 -9.73 -0.32
C SER A 276 -37.68 -9.39 1.11
N THR A 277 -38.96 -9.07 1.29
CA THR A 277 -39.55 -8.91 2.61
C THR A 277 -40.03 -10.24 3.20
N SER A 278 -39.96 -11.31 2.42
CA SER A 278 -40.36 -12.63 2.86
C SER A 278 -39.38 -13.25 3.87
N LYS A 279 -39.90 -13.69 5.02
CA LYS A 279 -39.10 -14.36 6.04
C LYS A 279 -38.74 -15.78 5.59
N SER A 280 -39.52 -16.31 4.65
CA SER A 280 -39.40 -17.68 4.18
C SER A 280 -38.24 -17.84 3.19
N LEU A 281 -37.96 -16.79 2.43
CA LEU A 281 -36.90 -16.82 1.43
C LEU A 281 -35.54 -16.54 2.07
N PRO A 282 -34.68 -17.56 2.16
CA PRO A 282 -33.40 -17.42 2.84
C PRO A 282 -32.46 -16.49 2.08
N ARG A 283 -31.54 -15.88 2.80
CA ARG A 283 -30.50 -15.07 2.19
C ARG A 283 -29.23 -15.89 2.11
N GLY A 284 -28.56 -15.81 0.96
CA GLY A 284 -27.25 -16.41 0.80
C GLY A 284 -26.20 -15.33 0.97
N TYR A 285 -25.28 -15.28 0.00
CA TYR A 285 -24.25 -14.25 -0.01
C TYR A 285 -24.85 -12.89 -0.37
N ASP A 286 -24.09 -11.85 -0.06
CA ASP A 286 -24.43 -10.46 -0.35
C ASP A 286 -25.70 -9.97 0.34
N ASN A 287 -26.04 -10.59 1.47
CA ASN A 287 -27.20 -10.20 2.28
C ASN A 287 -28.52 -10.10 1.49
N CYS A 288 -28.73 -11.03 0.57
CA CYS A 288 -29.95 -11.06 -0.23
C CYS A 288 -30.24 -12.47 -0.76
N PRO A 289 -31.51 -12.73 -1.16
CA PRO A 289 -31.88 -14.02 -1.77
C PRO A 289 -31.06 -14.40 -3.00
N PHE A 290 -30.96 -13.50 -3.97
CA PHE A 290 -30.16 -13.78 -5.19
C PHE A 290 -29.66 -12.51 -5.84
N TYR A 291 -28.54 -12.64 -6.55
CA TYR A 291 -27.94 -11.51 -7.25
C TYR A 291 -27.10 -12.02 -8.39
N PHE A 292 -26.65 -11.12 -9.27
CA PHE A 292 -25.68 -11.49 -10.29
C PHE A 292 -24.95 -10.27 -10.82
N TRP A 293 -23.75 -10.52 -11.34
CA TRP A 293 -23.01 -9.54 -12.12
C TRP A 293 -23.08 -9.81 -13.62
N PHE A 294 -23.09 -8.75 -14.41
CA PHE A 294 -22.85 -8.83 -15.85
C PHE A 294 -22.10 -7.58 -16.35
N ASN A 295 -21.54 -7.68 -17.54
CA ASN A 295 -20.88 -6.54 -18.19
C ASN A 295 -21.66 -6.13 -19.44
N THR A 296 -22.03 -4.85 -19.49
CA THR A 296 -22.85 -4.32 -20.58
C THR A 296 -22.26 -4.57 -21.96
N SER A 297 -20.93 -4.51 -22.08
CA SER A 297 -20.28 -4.71 -23.39
C SER A 297 -20.31 -6.16 -23.85
N LEU A 298 -20.48 -7.10 -22.93
CA LEU A 298 -20.53 -8.52 -23.26
C LEU A 298 -21.95 -9.09 -23.36
N VAL A 299 -22.95 -8.21 -23.22
CA VAL A 299 -24.33 -8.56 -23.49
C VAL A 299 -24.52 -8.76 -24.98
N GLU A 300 -25.23 -9.82 -25.34
CA GLU A 300 -25.52 -10.12 -26.74
C GLU A 300 -27.01 -9.90 -27.00
N GLY A 301 -27.30 -9.05 -27.99
CA GLY A 301 -28.68 -8.71 -28.31
C GLY A 301 -29.29 -7.74 -27.32
N ASP A 302 -30.59 -7.93 -27.04
CA ASP A 302 -31.36 -7.00 -26.24
C ASP A 302 -31.71 -7.57 -24.86
N HIS A 303 -31.05 -8.66 -24.47
CA HIS A 303 -31.35 -9.31 -23.19
C HIS A 303 -30.21 -10.16 -22.66
N VAL A 304 -30.28 -10.43 -21.37
CA VAL A 304 -29.44 -11.45 -20.75
C VAL A 304 -30.34 -12.33 -19.90
N THR A 305 -30.28 -13.64 -20.16
CA THR A 305 -31.08 -14.62 -19.41
C THR A 305 -30.14 -15.55 -18.66
N LEU A 306 -30.43 -15.77 -17.38
CA LEU A 306 -29.59 -16.60 -16.54
C LEU A 306 -30.38 -17.73 -15.91
N LYS A 307 -29.90 -18.96 -16.09
CA LYS A 307 -30.50 -20.13 -15.46
C LYS A 307 -30.09 -20.17 -13.99
N ARG A 308 -30.72 -21.08 -13.24
CA ARG A 308 -30.50 -21.22 -11.81
C ARG A 308 -29.01 -21.34 -11.45
N GLU A 309 -28.29 -22.16 -12.22
CA GLU A 309 -26.87 -22.42 -11.99
C GLU A 309 -25.99 -21.18 -12.25
N GLU A 310 -26.54 -20.22 -12.99
CA GLU A 310 -25.81 -19.01 -13.36
C GLU A 310 -26.12 -17.81 -12.45
N ILE A 311 -26.92 -18.02 -11.41
CA ILE A 311 -27.31 -16.93 -10.51
C ILE A 311 -26.70 -17.16 -9.14
N ASP A 312 -26.16 -16.09 -8.54
CA ASP A 312 -25.48 -16.19 -7.25
C ASP A 312 -26.46 -16.40 -6.12
N ASN A 313 -26.30 -17.55 -5.46
CA ASN A 313 -27.14 -18.09 -4.37
C ASN A 313 -28.03 -19.29 -4.78
N PRO A 314 -28.83 -19.16 -5.86
CA PRO A 314 -29.51 -20.35 -6.41
C PRO A 314 -28.52 -21.38 -6.98
N HIS A 315 -27.26 -20.98 -7.17
CA HIS A 315 -26.22 -21.91 -7.64
C HIS A 315 -25.94 -23.05 -6.65
N LYS A 316 -26.18 -22.80 -5.36
CA LYS A 316 -25.99 -23.80 -4.32
C LYS A 316 -27.13 -24.80 -4.32
N LYS A 317 -26.81 -26.09 -4.39
CA LYS A 317 -27.87 -27.11 -4.55
C LYS A 317 -28.81 -27.25 -3.34
N LYS A 318 -28.43 -26.71 -2.19
CA LYS A 318 -29.32 -26.71 -1.03
C LYS A 318 -30.59 -25.87 -1.25
N THR A 319 -30.55 -24.97 -2.23
CA THR A 319 -31.65 -24.06 -2.52
C THR A 319 -32.59 -24.59 -3.62
N TRP A 320 -32.29 -25.78 -4.12
CA TRP A 320 -32.92 -26.29 -5.33
C TRP A 320 -34.37 -26.76 -5.20
N LYS A 321 -34.89 -26.81 -3.96
CA LYS A 321 -36.32 -26.98 -3.72
C LYS A 321 -37.05 -25.64 -3.79
N ILE A 322 -36.31 -24.55 -3.62
CA ILE A 322 -36.86 -23.20 -3.72
C ILE A 322 -36.74 -22.70 -5.15
N TYR A 323 -35.51 -22.66 -5.66
CA TYR A 323 -35.26 -22.32 -7.05
C TYR A 323 -35.24 -23.63 -7.84
N ARG A 324 -36.32 -23.89 -8.57
CA ARG A 324 -36.48 -25.14 -9.30
C ARG A 324 -35.71 -25.09 -10.62
N ASP A 325 -35.62 -26.24 -11.32
CA ASP A 325 -34.73 -26.37 -12.48
C ASP A 325 -34.98 -25.37 -13.62
N ASN A 326 -36.20 -24.83 -13.68
CA ASN A 326 -36.57 -23.85 -14.69
C ASN A 326 -36.62 -22.39 -14.15
N PHE A 327 -36.10 -22.19 -12.94
CA PHE A 327 -35.98 -20.84 -12.38
C PHE A 327 -34.97 -20.05 -13.21
N THR A 328 -35.42 -18.93 -13.76
CA THR A 328 -34.54 -18.06 -14.55
C THR A 328 -34.82 -16.58 -14.28
N VAL A 329 -33.83 -15.74 -14.53
CA VAL A 329 -34.01 -14.30 -14.47
C VAL A 329 -33.54 -13.73 -15.80
N LYS A 330 -34.39 -12.94 -16.44
CA LYS A 330 -34.05 -12.31 -17.70
C LYS A 330 -34.15 -10.81 -17.55
N LEU A 331 -33.08 -10.10 -17.90
CA LEU A 331 -33.14 -8.64 -18.01
C LEU A 331 -33.32 -8.28 -19.48
N THR A 332 -34.25 -7.36 -19.76
CA THR A 332 -34.44 -6.81 -21.10
C THR A 332 -33.84 -5.41 -21.16
N PHE A 333 -33.14 -5.11 -22.24
CA PHE A 333 -32.45 -3.84 -22.40
C PHE A 333 -32.95 -3.05 -23.59
N SER A 334 -32.76 -1.74 -23.53
CA SER A 334 -32.81 -0.89 -24.69
C SER A 334 -31.39 -0.38 -24.92
N ASP A 335 -30.99 -0.33 -26.19
CA ASP A 335 -29.68 0.20 -26.53
C ASP A 335 -29.68 1.69 -26.29
N ALA A 336 -28.73 2.17 -25.49
CA ALA A 336 -28.58 3.59 -25.25
C ALA A 336 -27.98 4.25 -26.49
N GLU A 337 -28.75 4.18 -27.58
CA GLU A 337 -28.36 4.71 -28.89
C GLU A 337 -29.56 4.83 -29.83
N ASP A 338 -30.60 4.01 -29.59
CA ASP A 338 -31.80 4.02 -30.44
C ASP A 338 -32.71 5.20 -30.13
N SER B 12 9.69 11.75 28.53
CA SER B 12 9.65 10.48 27.83
C SER B 12 8.22 10.26 27.43
N GLN B 13 7.35 10.49 28.39
CA GLN B 13 5.96 10.51 28.16
C GLN B 13 5.34 11.91 28.13
N ASN B 14 6.05 12.91 27.59
CA ASN B 14 5.55 14.26 27.50
C ASN B 14 5.30 14.78 26.08
N LYS B 15 5.04 13.89 25.17
CA LYS B 15 4.50 14.21 23.85
C LYS B 15 3.07 14.65 24.06
N ARG B 16 2.63 15.68 23.32
CA ARG B 16 1.30 16.25 23.50
C ARG B 16 0.20 15.29 23.03
N ARG B 17 -0.54 14.79 24.01
CA ARG B 17 -1.52 13.74 23.82
C ARG B 17 -2.89 14.34 23.49
N TYR B 18 -3.70 13.57 22.76
CA TYR B 18 -5.10 13.92 22.57
C TYR B 18 -5.91 13.07 23.54
N ARG B 19 -6.54 13.74 24.49
CA ARG B 19 -7.25 13.09 25.59
C ARG B 19 -8.58 13.77 25.85
N LYS B 20 -9.54 13.51 24.96
CA LYS B 20 -10.91 13.99 25.14
C LYS B 20 -11.85 13.25 24.21
N ASP B 21 -13.14 13.40 24.47
CA ASP B 21 -14.22 12.85 23.63
C ASP B 21 -14.12 11.33 23.47
N GLY B 22 -13.60 10.68 24.50
CA GLY B 22 -13.50 9.22 24.50
C GLY B 22 -12.29 8.69 23.76
N PHE B 23 -11.37 9.58 23.44
CA PHE B 23 -10.11 9.20 22.79
C PHE B 23 -8.95 9.47 23.71
N ASP B 24 -7.92 8.65 23.59
CA ASP B 24 -6.69 8.84 24.35
C ASP B 24 -5.55 8.36 23.46
N LEU B 25 -4.99 9.30 22.69
CA LEU B 25 -4.06 8.96 21.61
C LEU B 25 -2.84 9.87 21.59
N ASP B 26 -1.71 9.30 21.19
CA ASP B 26 -0.50 10.10 20.95
C ASP B 26 -0.64 10.77 19.59
N LEU B 27 -1.36 11.88 19.60
CA LEU B 27 -1.79 12.57 18.41
C LEU B 27 -1.86 14.05 18.77
N THR B 28 -1.28 14.87 17.92
CA THR B 28 -1.14 16.30 18.18
C THR B 28 -1.63 17.09 16.98
N TYR B 29 -2.55 18.03 17.22
CA TYR B 29 -2.87 19.01 16.20
C TYR B 29 -1.77 20.07 16.19
N VAL B 30 -0.87 19.98 15.22
CA VAL B 30 0.17 21.00 15.03
C VAL B 30 -0.51 22.31 14.61
N THR B 31 -1.44 22.21 13.66
CA THR B 31 -2.43 23.26 13.40
C THR B 31 -3.81 22.57 13.39
N ASP B 32 -4.88 23.35 13.23
CA ASP B 32 -6.23 22.77 13.19
C ASP B 32 -6.39 21.71 12.09
N HIS B 33 -5.54 21.76 11.06
CA HIS B 33 -5.67 20.86 9.91
C HIS B 33 -4.45 20.00 9.61
N VAL B 34 -3.43 20.09 10.47
CA VAL B 34 -2.20 19.33 10.29
C VAL B 34 -1.89 18.59 11.58
N ILE B 35 -1.99 17.26 11.51
CA ILE B 35 -1.82 16.38 12.66
C ILE B 35 -0.48 15.65 12.59
N ALA B 36 0.17 15.53 13.74
CA ALA B 36 1.38 14.72 13.90
C ALA B 36 1.08 13.62 14.91
N MET B 37 1.48 12.39 14.61
CA MET B 37 1.18 11.26 15.50
C MET B 37 2.20 10.15 15.37
N SER B 38 2.16 9.21 16.31
CA SER B 38 3.04 8.04 16.27
C SER B 38 2.36 6.92 15.47
N PHE B 39 3.01 5.75 15.41
CA PHE B 39 2.53 4.64 14.56
C PHE B 39 1.16 4.08 14.98
N PRO B 40 0.26 3.82 14.01
CA PRO B 40 -0.99 3.13 14.35
C PRO B 40 -0.75 1.63 14.48
N SER B 41 -0.63 1.15 15.71
CA SER B 41 -0.09 -0.17 15.97
C SER B 41 -1.14 -1.27 16.10
N SER B 42 -0.70 -2.51 15.88
CA SER B 42 -1.51 -3.67 16.19
C SER B 42 -1.03 -4.23 17.53
N GLY B 43 -1.96 -4.45 18.47
CA GLY B 43 -3.39 -4.39 18.21
C GLY B 43 -4.26 -3.48 19.09
N ARG B 44 -4.86 -4.06 20.13
CA ARG B 44 -5.87 -3.34 20.91
CA ARG B 44 -5.89 -3.41 20.96
C ARG B 44 -5.39 -2.54 22.13
N GLN B 45 -4.25 -2.92 22.73
CA GLN B 45 -3.78 -2.18 23.91
C GLN B 45 -3.36 -0.73 23.63
N SER B 46 -3.70 0.17 24.57
CA SER B 46 -3.56 1.62 24.37
C SER B 46 -2.35 2.27 25.04
N LEU B 47 -1.78 1.63 26.07
CA LEU B 47 -0.65 2.20 26.83
C LEU B 47 0.66 2.18 26.05
N PHE B 48 1.19 3.38 25.76
CA PHE B 48 2.46 3.57 25.05
C PHE B 48 2.34 3.62 23.52
N ARG B 49 1.42 2.86 22.96
CA ARG B 49 1.22 2.84 21.50
C ARG B 49 -0.24 3.13 21.13
N ASN B 50 -0.42 3.83 20.02
CA ASN B 50 -1.74 4.14 19.47
C ASN B 50 -2.31 2.89 18.85
N PRO B 51 -3.45 2.37 19.35
CA PRO B 51 -4.01 1.23 18.65
C PRO B 51 -4.69 1.66 17.35
N ILE B 52 -4.45 0.92 16.27
CA ILE B 52 -4.97 1.28 14.93
C ILE B 52 -6.49 1.41 14.88
N GLY B 53 -7.19 0.55 15.63
CA GLY B 53 -8.65 0.63 15.69
C GLY B 53 -9.10 1.99 16.19
N GLU B 54 -8.44 2.49 17.22
CA GLU B 54 -8.80 3.80 17.78
C GLU B 54 -8.38 4.97 16.89
N VAL B 55 -7.22 4.86 16.23
CA VAL B 55 -6.76 5.92 15.34
C VAL B 55 -7.71 6.05 14.16
N SER B 56 -8.07 4.90 13.57
CA SER B 56 -9.00 4.92 12.44
C SER B 56 -10.40 5.42 12.83
N ARG B 57 -10.87 5.02 14.01
CA ARG B 57 -12.14 5.54 14.56
C ARG B 57 -12.08 7.06 14.78
N PHE B 58 -10.94 7.56 15.26
CA PHE B 58 -10.71 9.00 15.43
C PHE B 58 -10.94 9.77 14.13
N PHE B 59 -10.28 9.34 13.05
CA PHE B 59 -10.39 10.07 11.77
C PHE B 59 -11.77 9.93 11.14
N LYS B 60 -12.35 8.74 11.23
CA LYS B 60 -13.68 8.52 10.69
C LYS B 60 -14.73 9.31 11.49
N THR B 61 -14.46 9.58 12.77
CA THR B 61 -15.39 10.32 13.65
C THR B 61 -15.22 11.84 13.56
N LYS B 62 -13.96 12.29 13.64
CA LYS B 62 -13.64 13.71 13.75
C LYS B 62 -13.50 14.38 12.39
N HIS B 63 -13.09 13.61 11.38
CA HIS B 63 -12.83 14.15 10.04
C HIS B 63 -13.39 13.28 8.91
N PRO B 64 -14.67 12.86 9.01
CA PRO B 64 -15.19 11.86 8.08
C PRO B 64 -15.01 12.25 6.61
N ASP B 65 -14.37 11.36 5.84
CA ASP B 65 -14.09 11.54 4.42
C ASP B 65 -13.26 12.78 4.09
N LYS B 66 -12.60 13.33 5.09
CA LYS B 66 -11.82 14.55 4.92
C LYS B 66 -10.43 14.46 5.53
N PHE B 67 -9.87 13.26 5.53
CA PHE B 67 -8.49 13.08 6.01
C PHE B 67 -7.61 12.34 4.99
N ARG B 68 -6.30 12.60 5.08
CA ARG B 68 -5.31 11.83 4.36
C ARG B 68 -4.17 11.54 5.32
N ILE B 69 -3.76 10.27 5.36
CA ILE B 69 -2.76 9.78 6.30
C ILE B 69 -1.46 9.55 5.55
N TYR B 70 -0.35 10.03 6.13
CA TYR B 70 0.97 9.84 5.57
C TYR B 70 1.79 8.95 6.49
N ASN B 71 2.20 7.78 5.97
CA ASN B 71 3.07 6.87 6.71
C ASN B 71 4.51 7.07 6.24
N LEU B 72 5.36 7.55 7.14
CA LEU B 72 6.76 7.88 6.79
C LEU B 72 7.76 6.75 7.09
N CYS B 73 7.27 5.62 7.60
CA CYS B 73 8.14 4.50 7.97
C CYS B 73 8.50 3.59 6.80
N SER B 74 9.79 3.53 6.46
CA SER B 74 10.25 2.55 5.48
C SER B 74 10.09 1.12 6.02
N GLU B 75 10.11 0.99 7.35
CA GLU B 75 10.26 -0.28 8.03
C GLU B 75 8.98 -1.11 8.10
N ARG B 76 7.84 -0.44 8.02
CA ARG B 76 6.58 -1.04 8.44
C ARG B 76 5.38 -0.29 7.82
N GLY B 77 4.50 -1.07 7.21
CA GLY B 77 3.17 -0.57 6.83
C GLY B 77 2.12 -1.21 7.72
N TYR B 78 0.87 -1.20 7.26
CA TYR B 78 -0.24 -1.72 8.04
C TYR B 78 -1.47 -1.85 7.17
N ASP B 79 -2.59 -2.28 7.76
CA ASP B 79 -3.85 -2.41 7.03
C ASP B 79 -4.43 -1.03 6.74
N GLU B 80 -4.11 -0.51 5.56
CA GLU B 80 -4.53 0.81 5.12
C GLU B 80 -6.04 0.93 4.87
N THR B 81 -6.72 -0.22 4.78
CA THR B 81 -8.16 -0.22 4.58
C THR B 81 -8.89 0.20 5.87
N LYS B 82 -8.23 0.08 7.01
CA LYS B 82 -8.76 0.67 8.25
C LYS B 82 -8.91 2.19 8.13
N PHE B 83 -8.11 2.80 7.26
CA PHE B 83 -8.22 4.23 6.95
C PHE B 83 -8.87 4.49 5.59
N ASP B 84 -9.71 3.56 5.15
CA ASP B 84 -10.45 3.68 3.89
C ASP B 84 -9.51 3.89 2.70
N ASN B 85 -8.32 3.31 2.81
CA ASN B 85 -7.30 3.37 1.74
C ASN B 85 -6.83 4.79 1.42
N HIS B 86 -6.95 5.68 2.41
CA HIS B 86 -6.51 7.07 2.28
C HIS B 86 -5.13 7.25 2.88
N VAL B 87 -4.20 6.36 2.52
CA VAL B 87 -2.83 6.38 3.09
C VAL B 87 -1.82 6.55 1.96
N TYR B 88 -0.84 7.42 2.18
CA TYR B 88 0.23 7.65 1.23
C TYR B 88 1.53 7.33 1.96
N ARG B 89 2.39 6.53 1.33
CA ARG B 89 3.65 6.15 1.98
C ARG B 89 4.85 6.95 1.46
N VAL B 90 5.65 7.46 2.40
CA VAL B 90 6.95 8.08 2.09
C VAL B 90 7.96 7.21 2.82
N MET B 91 8.83 6.54 2.08
CA MET B 91 9.76 5.57 2.66
CA MET B 91 9.74 5.57 2.70
C MET B 91 11.00 6.25 3.22
N ILE B 92 11.01 6.49 4.52
CA ILE B 92 12.15 7.14 5.17
C ILE B 92 12.66 6.24 6.28
N ASP B 93 13.97 5.96 6.28
CA ASP B 93 14.56 5.19 7.38
C ASP B 93 14.61 5.99 8.68
N ASP B 94 14.33 5.31 9.79
CA ASP B 94 14.49 5.88 11.13
C ASP B 94 15.84 6.58 11.22
N HIS B 95 15.83 7.81 11.76
CA HIS B 95 17.03 8.64 11.97
C HIS B 95 17.65 9.16 10.67
N ASN B 96 16.91 9.02 9.58
CA ASN B 96 17.37 9.52 8.27
C ASN B 96 16.36 10.47 7.62
N VAL B 97 16.55 10.71 6.33
CA VAL B 97 15.79 11.75 5.61
C VAL B 97 15.18 11.20 4.34
N PRO B 98 14.08 11.82 3.88
CA PRO B 98 13.59 11.50 2.54
C PRO B 98 14.56 12.04 1.49
N THR B 99 14.52 11.47 0.30
CA THR B 99 15.21 12.10 -0.82
C THR B 99 14.47 13.42 -1.11
N LEU B 100 15.16 14.38 -1.73
CA LEU B 100 14.49 15.61 -2.12
C LEU B 100 13.37 15.32 -3.11
N VAL B 101 13.59 14.39 -4.03
CA VAL B 101 12.53 14.00 -4.98
C VAL B 101 11.28 13.53 -4.22
N ASP B 102 11.46 12.69 -3.20
CA ASP B 102 10.32 12.17 -2.45
C ASP B 102 9.66 13.23 -1.57
N LEU B 103 10.48 14.15 -1.05
CA LEU B 103 9.92 15.26 -0.26
C LEU B 103 9.03 16.14 -1.12
N LEU B 104 9.48 16.45 -2.34
CA LEU B 104 8.67 17.29 -3.23
CA LEU B 104 8.69 17.29 -3.24
C LEU B 104 7.44 16.58 -3.73
N LYS B 105 7.54 15.26 -3.93
CA LYS B 105 6.37 14.45 -4.30
C LYS B 105 5.33 14.49 -3.19
N PHE B 106 5.79 14.38 -1.94
CA PHE B 106 4.90 14.50 -0.78
C PHE B 106 4.24 15.86 -0.72
N ILE B 107 5.03 16.92 -0.88
CA ILE B 107 4.50 18.28 -0.85
C ILE B 107 3.40 18.43 -1.92
N ASP B 108 3.66 17.93 -3.14
CA ASP B 108 2.69 17.96 -4.22
CA ASP B 108 2.67 17.94 -4.24
C ASP B 108 1.37 17.27 -3.81
N ASP B 109 1.49 16.05 -3.30
CA ASP B 109 0.34 15.26 -2.91
C ASP B 109 -0.50 15.97 -1.85
N ALA B 110 0.17 16.49 -0.82
CA ALA B 110 -0.50 17.21 0.26
C ALA B 110 -1.19 18.48 -0.25
N LYS B 111 -0.51 19.21 -1.12
CA LYS B 111 -1.06 20.44 -1.70
C LYS B 111 -2.34 20.17 -2.50
N VAL B 112 -2.30 19.14 -3.35
CA VAL B 112 -3.49 18.72 -4.11
C VAL B 112 -4.65 18.40 -3.15
N TRP B 113 -4.39 17.55 -2.16
CA TRP B 113 -5.40 17.16 -1.19
C TRP B 113 -5.96 18.36 -0.42
N MET B 114 -5.08 19.23 0.08
CA MET B 114 -5.49 20.35 0.91
C MET B 114 -6.18 21.48 0.14
N THR B 115 -5.77 21.71 -1.10
CA THR B 115 -6.40 22.79 -1.87
CA THR B 115 -6.37 22.77 -1.93
C THR B 115 -7.82 22.45 -2.30
N SER B 116 -8.16 21.17 -2.37
CA SER B 116 -9.48 20.75 -2.83
C SER B 116 -10.65 21.03 -1.85
N ASP B 117 -10.37 21.18 -0.56
CA ASP B 117 -11.40 21.43 0.44
C ASP B 117 -10.77 22.07 1.68
N PRO B 118 -11.32 23.23 2.12
CA PRO B 118 -10.77 23.94 3.28
C PRO B 118 -10.85 23.16 4.60
N ASP B 119 -11.73 22.17 4.67
CA ASP B 119 -11.87 21.34 5.86
C ASP B 119 -11.03 20.07 5.84
N HIS B 120 -10.27 19.85 4.76
CA HIS B 120 -9.40 18.67 4.66
C HIS B 120 -8.26 18.76 5.65
N VAL B 121 -7.92 17.62 6.25
CA VAL B 121 -6.76 17.54 7.14
C VAL B 121 -5.74 16.52 6.63
N ILE B 122 -4.49 16.69 7.02
CA ILE B 122 -3.45 15.70 6.76
C ILE B 122 -2.91 15.23 8.09
N ALA B 123 -2.68 13.92 8.23
CA ALA B 123 -2.10 13.40 9.45
C ALA B 123 -0.82 12.67 9.09
N ILE B 124 0.29 13.20 9.58
CA ILE B 124 1.62 12.70 9.26
C ILE B 124 2.09 11.88 10.44
N HIS B 125 2.50 10.64 10.17
CA HIS B 125 3.01 9.80 11.24
C HIS B 125 4.25 9.04 10.82
N SER B 126 4.96 8.55 11.82
CA SER B 126 6.13 7.73 11.61
C SER B 126 6.09 6.70 12.72
N LYS B 127 7.24 6.40 13.32
CA LYS B 127 7.23 5.49 14.47
C LYS B 127 6.87 6.28 15.72
N GLY B 128 7.60 7.35 15.98
CA GLY B 128 7.39 8.17 17.18
C GLY B 128 6.71 9.52 16.96
N GLY B 129 6.47 9.89 15.70
CA GLY B 129 5.96 11.23 15.41
C GLY B 129 6.91 12.31 15.86
N LYS B 130 8.21 12.08 15.68
CA LYS B 130 9.24 13.02 16.13
C LYS B 130 10.11 13.46 14.94
N GLY B 131 11.22 12.76 14.71
CA GLY B 131 12.20 13.16 13.70
C GLY B 131 11.68 13.20 12.28
N ARG B 132 11.22 12.06 11.78
CA ARG B 132 10.72 12.01 10.41
C ARG B 132 9.43 12.80 10.26
N THR B 133 8.51 12.65 11.20
CA THR B 133 7.24 13.39 11.13
C THR B 133 7.50 14.90 11.13
N GLY B 134 8.39 15.34 12.01
CA GLY B 134 8.73 16.75 12.12
C GLY B 134 9.35 17.32 10.86
N THR B 135 10.15 16.51 10.18
CA THR B 135 10.77 16.90 8.91
C THR B 135 9.71 17.27 7.88
N LEU B 136 8.70 16.42 7.77
CA LEU B 136 7.68 16.63 6.75
C LEU B 136 6.63 17.64 7.21
N VAL B 137 6.25 17.62 8.48
CA VAL B 137 5.34 18.64 9.01
C VAL B 137 5.95 20.03 8.81
N SER B 138 7.23 20.20 9.18
CA SER B 138 7.83 21.54 9.05
C SER B 138 7.95 21.99 7.59
N SER B 139 8.26 21.06 6.69
CA SER B 139 8.31 21.37 5.27
C SER B 139 6.93 21.79 4.77
N TRP B 140 5.90 21.05 5.17
CA TRP B 140 4.54 21.44 4.81
C TRP B 140 4.17 22.84 5.30
N LEU B 141 4.54 23.17 6.54
CA LEU B 141 4.25 24.49 7.10
C LEU B 141 4.96 25.61 6.32
N LEU B 142 6.14 25.31 5.78
CA LEU B 142 6.83 26.23 4.87
C LEU B 142 6.09 26.38 3.54
N GLU B 143 5.62 25.26 2.98
CA GLU B 143 4.84 25.30 1.74
C GLU B 143 3.56 26.10 1.91
N ASP B 144 2.90 25.92 3.05
CA ASP B 144 1.60 26.54 3.32
C ASP B 144 1.74 28.01 3.75
N GLY B 145 2.97 28.48 3.89
CA GLY B 145 3.20 29.91 4.13
C GLY B 145 3.07 30.41 5.57
N LYS B 146 2.82 29.49 6.51
CA LYS B 146 2.73 29.85 7.93
C LYS B 146 4.08 30.36 8.48
N PHE B 147 5.17 29.84 7.92
CA PHE B 147 6.52 30.29 8.25
C PHE B 147 7.33 30.55 7.00
N ASP B 148 8.33 31.39 7.16
CA ASP B 148 9.23 31.77 6.09
C ASP B 148 10.59 31.08 6.24
N THR B 149 10.90 30.61 7.45
CA THR B 149 12.19 29.94 7.70
C THR B 149 12.03 28.54 8.27
N ALA B 150 12.92 27.63 7.87
CA ALA B 150 12.98 26.30 8.42
C ALA B 150 13.12 26.36 9.94
N LYS B 151 13.96 27.28 10.43
CA LYS B 151 14.22 27.35 11.87
C LYS B 151 12.93 27.56 12.67
N GLU B 152 12.09 28.49 12.21
CA GLU B 152 10.84 28.80 12.88
C GLU B 152 9.81 27.67 12.74
N ALA B 153 9.74 27.07 11.55
CA ALA B 153 8.81 25.97 11.31
C ALA B 153 9.13 24.78 12.23
N LEU B 154 10.42 24.45 12.31
CA LEU B 154 10.91 23.38 13.16
C LEU B 154 10.62 23.66 14.65
N GLU B 155 10.92 24.87 15.10
CA GLU B 155 10.65 25.26 16.49
CA GLU B 155 10.66 25.18 16.51
C GLU B 155 9.16 25.15 16.81
N TYR B 156 8.34 25.56 15.83
CA TYR B 156 6.90 25.42 16.01
C TYR B 156 6.45 23.97 16.12
N PHE B 157 6.98 23.09 15.27
CA PHE B 157 6.67 21.67 15.40
C PHE B 157 7.01 21.17 16.80
N GLY B 158 8.20 21.52 17.29
CA GLY B 158 8.67 21.12 18.62
C GLY B 158 7.78 21.65 19.74
N SER B 159 7.38 22.91 19.65
CA SER B 159 6.53 23.54 20.65
C SER B 159 5.13 22.89 20.70
N ARG B 160 4.64 22.44 19.55
CA ARG B 160 3.35 21.74 19.50
C ARG B 160 3.47 20.29 19.97
N ARG B 161 4.52 19.60 19.54
CA ARG B 161 4.66 18.19 19.86
C ARG B 161 5.07 17.93 21.32
N THR B 162 5.76 18.89 21.91
CA THR B 162 6.25 18.79 23.28
C THR B 162 5.26 19.44 24.25
N ASP B 163 4.85 18.68 25.25
CA ASP B 163 4.05 19.22 26.35
C ASP B 163 5.02 19.45 27.52
N PHE B 164 5.50 20.69 27.64
CA PHE B 164 6.49 21.02 28.66
C PHE B 164 5.93 20.95 30.09
N GLU B 165 4.63 20.72 30.22
CA GLU B 165 3.95 20.61 31.51
C GLU B 165 4.06 19.20 32.10
N VAL B 166 4.33 18.22 31.24
CA VAL B 166 4.52 16.84 31.69
C VAL B 166 6.00 16.56 31.96
N GLY B 167 6.88 17.09 31.10
CA GLY B 167 8.31 16.85 31.22
C GLY B 167 9.18 17.83 30.43
N ASP B 168 10.49 17.72 30.62
CA ASP B 168 11.44 18.66 30.02
C ASP B 168 12.02 18.20 28.68
N VAL B 169 11.87 16.92 28.36
CA VAL B 169 12.50 16.32 27.17
C VAL B 169 11.86 16.85 25.88
N PHE B 170 12.70 17.44 25.02
CA PHE B 170 12.26 17.98 23.73
C PHE B 170 11.72 16.88 22.83
N GLN B 171 10.56 17.14 22.22
CA GLN B 171 9.92 16.15 21.35
C GLN B 171 9.84 16.59 19.89
N GLY B 172 10.68 17.57 19.51
CA GLY B 172 10.77 18.00 18.12
C GLY B 172 11.93 17.33 17.40
N VAL B 173 12.25 17.85 16.22
CA VAL B 173 13.35 17.33 15.39
C VAL B 173 14.71 17.69 15.98
N GLU B 174 15.60 16.70 16.02
CA GLU B 174 16.93 16.91 16.60
C GLU B 174 18.09 16.43 15.73
N THR B 175 17.91 15.36 14.96
CA THR B 175 19.02 14.84 14.17
C THR B 175 19.39 15.86 13.10
N ALA B 176 20.69 16.03 12.91
CA ALA B 176 21.21 17.15 12.13
C ALA B 176 20.76 17.11 10.66
N SER B 177 20.73 15.92 10.06
CA SER B 177 20.35 15.84 8.64
C SER B 177 18.87 16.17 8.42
N GLN B 178 18.04 15.82 9.40
CA GLN B 178 16.61 16.14 9.28
C GLN B 178 16.42 17.65 9.32
N ILE B 179 17.13 18.32 10.23
CA ILE B 179 17.15 19.80 10.28
C ILE B 179 17.65 20.37 8.93
N ARG B 180 18.76 19.82 8.42
CA ARG B 180 19.33 20.26 7.15
C ARG B 180 18.34 20.16 5.97
N TYR B 181 17.58 19.07 5.94
CA TYR B 181 16.66 18.82 4.83
C TYR B 181 15.43 19.71 4.85
N VAL B 182 15.01 20.15 6.04
CA VAL B 182 13.96 21.17 6.12
C VAL B 182 14.53 22.48 5.59
N GLY B 183 15.80 22.73 5.92
CA GLY B 183 16.54 23.89 5.38
C GLY B 183 16.62 23.85 3.87
N TYR B 184 16.85 22.63 3.33
CA TYR B 184 16.87 22.41 1.88
C TYR B 184 15.54 22.81 1.25
N PHE B 185 14.44 22.39 1.88
CA PHE B 185 13.14 22.72 1.34
C PHE B 185 12.90 24.24 1.36
N GLU B 186 13.33 24.91 2.43
CA GLU B 186 13.26 26.38 2.49
C GLU B 186 13.96 27.04 1.28
N LYS B 187 15.19 26.58 0.99
CA LYS B 187 15.97 27.11 -0.13
C LYS B 187 15.27 26.81 -1.46
N ILE B 188 14.72 25.61 -1.58
CA ILE B 188 13.97 25.22 -2.79
C ILE B 188 12.78 26.14 -3.01
N LYS B 189 12.02 26.38 -1.95
CA LYS B 189 10.86 27.27 -2.01
C LYS B 189 11.26 28.69 -2.38
N LYS B 190 12.25 29.23 -1.67
CA LYS B 190 12.70 30.62 -1.86
C LYS B 190 13.48 30.89 -3.15
N ASN B 191 14.45 30.03 -3.46
CA ASN B 191 15.39 30.28 -4.55
C ASN B 191 15.13 29.51 -5.84
N TYR B 192 14.30 28.48 -5.78
CA TYR B 192 14.14 27.59 -6.94
C TYR B 192 12.69 27.42 -7.37
N GLY B 193 11.81 28.24 -6.82
CA GLY B 193 10.38 28.24 -7.19
C GLY B 193 9.64 26.97 -6.83
N GLY B 194 10.17 26.23 -5.86
CA GLY B 194 9.54 24.98 -5.42
C GLY B 194 9.93 23.76 -6.22
N GLN B 195 10.85 23.90 -7.17
CA GLN B 195 11.32 22.73 -7.92
C GLN B 195 12.74 22.36 -7.52
N LEU B 196 13.14 21.13 -7.83
CA LEU B 196 14.51 20.69 -7.59
C LEU B 196 15.50 21.69 -8.20
N PRO B 197 16.61 21.96 -7.51
CA PRO B 197 17.70 22.74 -8.08
C PRO B 197 18.26 22.05 -9.32
N PRO B 198 18.95 22.79 -10.23
CA PRO B 198 19.61 22.13 -11.36
C PRO B 198 20.53 21.01 -10.87
N MET B 199 20.51 19.86 -11.56
CA MET B 199 21.39 18.72 -11.23
CA MET B 199 21.37 18.76 -11.13
C MET B 199 22.85 19.13 -11.21
N LYS B 200 23.58 18.72 -10.18
CA LYS B 200 25.01 18.93 -10.09
C LYS B 200 25.67 17.59 -9.85
N LYS B 201 26.58 17.22 -10.75
CA LYS B 201 27.30 15.96 -10.63
C LYS B 201 28.67 16.24 -10.04
N LEU B 202 29.00 15.50 -8.98
CA LEU B 202 30.23 15.74 -8.21
C LEU B 202 30.98 14.44 -7.95
N LYS B 203 32.28 14.54 -7.72
CA LYS B 203 33.06 13.44 -7.15
C LYS B 203 33.72 13.91 -5.87
N VAL B 204 33.72 13.08 -4.84
CA VAL B 204 34.50 13.40 -3.63
C VAL B 204 35.97 13.10 -3.91
N THR B 205 36.82 14.09 -3.69
CA THR B 205 38.27 13.91 -3.86
C THR B 205 39.02 14.01 -2.54
N GLY B 206 38.33 14.41 -1.48
CA GLY B 206 38.98 14.62 -0.19
C GLY B 206 38.02 14.68 0.98
N VAL B 207 38.49 14.20 2.12
CA VAL B 207 37.78 14.37 3.38
C VAL B 207 38.76 14.84 4.46
N THR B 208 38.32 15.82 5.24
CA THR B 208 39.13 16.41 6.30
C THR B 208 38.33 16.41 7.58
N ILE B 209 38.91 15.84 8.63
CA ILE B 209 38.26 15.82 9.94
C ILE B 209 39.14 16.62 10.90
N THR B 210 38.58 17.66 11.51
CA THR B 210 39.31 18.46 12.49
C THR B 210 38.94 18.06 13.89
N ALA B 211 39.85 18.30 14.84
CA ALA B 211 39.69 17.92 16.25
C ALA B 211 39.59 16.39 16.42
N ILE B 212 40.57 15.70 15.84
CA ILE B 212 40.58 14.25 15.80
C ILE B 212 41.03 13.60 17.13
N GLN B 213 41.78 14.35 17.94
CA GLN B 213 42.20 13.87 19.27
CA GLN B 213 42.20 13.85 19.26
C GLN B 213 40.98 13.40 20.05
N GLY B 214 41.04 12.20 20.60
CA GLY B 214 39.95 11.64 21.39
C GLY B 214 38.85 10.95 20.58
N VAL B 215 38.96 11.03 19.25
CA VAL B 215 38.01 10.35 18.36
C VAL B 215 38.65 9.06 17.84
N GLY B 216 38.17 7.94 18.37
CA GLY B 216 38.71 6.62 18.05
C GLY B 216 40.17 6.57 18.44
N ARG B 217 41.03 6.19 17.50
CA ARG B 217 42.47 6.09 17.78
C ARG B 217 43.17 7.44 17.88
N GLY B 218 42.48 8.50 17.47
CA GLY B 218 43.02 9.86 17.61
C GLY B 218 43.90 10.34 16.47
N ASN B 219 44.06 9.50 15.44
CA ASN B 219 44.88 9.83 14.27
C ASN B 219 44.27 9.35 12.94
N GLY B 220 42.97 9.06 12.94
CA GLY B 220 42.28 8.59 11.74
C GLY B 220 42.42 7.11 11.42
N SER B 221 43.32 6.42 12.11
CA SER B 221 43.69 5.06 11.71
C SER B 221 42.61 3.99 11.94
N ASP B 222 41.57 4.33 12.72
CA ASP B 222 40.49 3.39 13.01
C ASP B 222 39.32 3.59 12.04
N LEU B 223 39.38 4.64 11.24
CA LEU B 223 38.19 5.10 10.51
C LEU B 223 38.06 4.58 9.08
N SER B 224 36.81 4.44 8.66
N SER B 224 36.80 4.43 8.66
CA SER B 224 36.48 4.19 7.26
CA SER B 224 36.45 4.18 7.28
C SER B 224 35.28 5.06 6.90
C SER B 224 35.33 5.14 6.91
N MET B 225 35.14 5.36 5.61
CA MET B 225 34.04 6.19 5.12
C MET B 225 33.32 5.46 4.00
N GLN B 226 32.01 5.37 4.13
CA GLN B 226 31.18 4.75 3.12
C GLN B 226 30.28 5.81 2.54
N ILE B 227 30.26 5.88 1.21
CA ILE B 227 29.34 6.78 0.49
C ILE B 227 28.19 5.93 -0.07
N VAL B 228 26.96 6.34 0.22
CA VAL B 228 25.76 5.60 -0.12
C VAL B 228 24.88 6.51 -1.00
N SER B 229 24.39 5.95 -2.10
CA SER B 229 23.53 6.66 -3.04
C SER B 229 22.40 5.73 -3.45
N GLU B 230 21.18 6.22 -3.29
CA GLU B 230 19.96 5.44 -3.57
C GLU B 230 20.04 4.03 -2.96
N ARG B 231 20.40 4.01 -1.67
CA ARG B 231 20.37 2.80 -0.82
C ARG B 231 21.43 1.75 -1.16
N GLN B 232 22.45 2.14 -1.92
CA GLN B 232 23.54 1.24 -2.30
C GLN B 232 24.86 1.92 -1.99
N GLU B 233 25.83 1.16 -1.48
CA GLU B 233 27.18 1.68 -1.35
C GLU B 233 27.77 1.93 -2.74
N VAL B 234 28.32 3.12 -2.95
CA VAL B 234 29.02 3.45 -4.21
C VAL B 234 30.51 3.67 -4.01
N LEU B 235 30.93 3.91 -2.77
CA LEU B 235 32.35 3.99 -2.43
C LEU B 235 32.62 3.59 -0.99
N LEU B 236 33.73 2.88 -0.78
CA LEU B 236 34.23 2.62 0.56
C LEU B 236 35.70 3.01 0.62
N CYS B 237 36.04 3.84 1.60
CA CYS B 237 37.44 4.18 1.86
C CYS B 237 37.84 3.71 3.23
N LYS B 238 38.97 3.02 3.33
CA LYS B 238 39.51 2.63 4.63
C LYS B 238 40.84 3.33 4.83
N PHE B 239 40.89 4.20 5.83
CA PHE B 239 41.92 5.23 5.98
C PHE B 239 43.34 4.70 6.23
N ALA B 240 43.49 3.90 7.29
CA ALA B 240 44.81 3.41 7.69
C ALA B 240 45.40 2.53 6.60
N GLU B 241 44.52 1.74 6.01
CA GLU B 241 44.86 0.77 4.99
C GLU B 241 45.19 1.39 3.61
N GLY B 242 44.69 2.58 3.33
CA GLY B 242 44.87 3.19 2.01
C GLY B 242 43.97 2.57 0.95
N TYR B 243 42.84 2.02 1.39
CA TYR B 243 41.83 1.39 0.53
C TYR B 243 41.00 2.51 -0.10
N ASN B 244 41.17 2.71 -1.41
CA ASN B 244 40.56 3.84 -2.15
C ASN B 244 40.88 5.22 -1.55
N CYS B 245 42.03 5.35 -0.88
CA CYS B 245 42.37 6.62 -0.25
C CYS B 245 43.84 6.72 0.12
N ALA B 246 44.23 7.87 0.66
CA ALA B 246 45.56 8.09 1.20
C ALA B 246 45.44 9.04 2.38
N LEU B 247 45.83 8.56 3.55
CA LEU B 247 45.65 9.28 4.80
C LEU B 247 46.88 10.08 5.23
N GLN B 248 46.63 11.31 5.68
CA GLN B 248 47.64 12.15 6.33
CA GLN B 248 47.65 12.12 6.34
C GLN B 248 47.14 12.64 7.68
N TYR B 249 47.89 12.36 8.73
CA TYR B 249 47.56 12.89 10.04
C TYR B 249 48.50 14.04 10.38
N ASP B 250 47.94 15.16 10.86
CA ASP B 250 48.78 16.26 11.32
C ASP B 250 48.56 16.58 12.80
N ALA B 251 49.58 16.32 13.61
CA ALA B 251 49.52 16.53 15.05
C ALA B 251 49.31 17.99 15.45
N THR B 252 50.05 18.89 14.80
CA THR B 252 49.95 20.32 15.12
C THR B 252 48.53 20.84 14.89
N ASP B 253 47.97 20.51 13.73
CA ASP B 253 46.63 20.98 13.37
C ASP B 253 45.52 20.12 13.98
N ASP B 254 45.88 18.98 14.59
CA ASP B 254 44.93 18.04 15.21
C ASP B 254 43.83 17.67 14.18
N CYS B 255 44.27 17.19 13.03
CA CYS B 255 43.35 16.91 11.94
CA CYS B 255 43.41 17.00 11.87
C CYS B 255 43.87 15.79 11.04
N VAL B 256 42.91 15.10 10.42
CA VAL B 256 43.23 14.09 9.43
C VAL B 256 42.70 14.55 8.07
N THR B 257 43.52 14.37 7.04
CA THR B 257 43.13 14.67 5.67
C THR B 257 43.36 13.42 4.83
N CYS B 258 42.32 13.02 4.11
CA CYS B 258 42.38 11.85 3.28
CA CYS B 258 42.40 11.85 3.25
C CYS B 258 42.13 12.25 1.82
N GLU B 259 43.05 11.83 0.94
CA GLU B 259 42.82 11.92 -0.50
CA GLU B 259 42.79 11.94 -0.48
C GLU B 259 41.87 10.78 -0.82
N VAL B 260 40.73 11.09 -1.40
CA VAL B 260 39.75 10.07 -1.73
C VAL B 260 39.94 9.71 -3.19
N LYS B 261 40.10 8.41 -3.46
CA LYS B 261 40.33 7.95 -4.84
C LYS B 261 39.14 7.17 -5.39
N ASN B 262 38.98 7.19 -6.72
CA ASN B 262 38.03 6.29 -7.40
C ASN B 262 36.56 6.53 -7.11
N CYS B 263 36.23 7.72 -6.62
CA CYS B 263 34.83 8.05 -6.36
C CYS B 263 34.08 8.09 -7.69
N PRO B 264 32.95 7.38 -7.78
CA PRO B 264 32.12 7.45 -8.97
C PRO B 264 31.40 8.79 -9.01
N VAL B 265 30.77 9.12 -10.14
CA VAL B 265 29.98 10.35 -10.24
C VAL B 265 28.81 10.29 -9.24
N LEU B 266 28.67 11.33 -8.43
CA LEU B 266 27.59 11.39 -7.45
C LEU B 266 26.57 12.43 -7.88
N ALA B 267 25.30 12.10 -7.71
CA ALA B 267 24.21 13.03 -8.02
C ALA B 267 23.05 12.77 -7.07
N GLY B 268 22.42 13.84 -6.57
CA GLY B 268 21.25 13.71 -5.69
C GLY B 268 21.62 13.59 -4.23
N ASP B 269 20.83 12.83 -3.49
CA ASP B 269 21.00 12.75 -2.04
C ASP B 269 22.02 11.68 -1.71
N ILE B 270 23.02 12.10 -0.93
CA ILE B 270 24.17 11.27 -0.67
C ILE B 270 24.27 11.14 0.85
N LYS B 271 24.47 9.90 1.30
CA LYS B 271 24.65 9.62 2.71
C LYS B 271 26.09 9.19 2.90
N VAL B 272 26.77 9.81 3.86
CA VAL B 272 28.17 9.53 4.13
C VAL B 272 28.26 9.00 5.55
N ARG B 273 28.76 7.77 5.69
CA ARG B 273 28.80 7.08 6.97
C ARG B 273 30.24 6.86 7.36
N PHE B 274 30.60 7.20 8.60
CA PHE B 274 31.94 6.92 9.09
C PHE B 274 31.88 5.79 10.11
N MET B 275 32.71 4.77 9.88
CA MET B 275 32.77 3.58 10.71
C MET B 275 34.12 3.52 11.39
N SER B 276 34.19 2.74 12.47
CA SER B 276 35.40 2.64 13.26
C SER B 276 35.59 1.25 13.83
N THR B 277 36.85 0.81 13.83
CA THR B 277 37.28 -0.38 14.53
C THR B 277 37.54 -0.13 16.03
N SER B 278 37.46 1.13 16.46
CA SER B 278 37.74 1.48 17.86
CA SER B 278 37.74 1.50 17.87
C SER B 278 36.64 1.06 18.83
N LYS B 279 37.03 0.39 19.89
CA LYS B 279 36.07 -0.03 20.91
C LYS B 279 35.69 1.13 21.83
N SER B 280 36.50 2.18 21.82
CA SER B 280 36.29 3.33 22.71
C SER B 280 35.57 4.52 22.05
N LEU B 281 35.18 4.35 20.79
CA LEU B 281 34.37 5.36 20.11
C LEU B 281 32.94 4.81 20.02
N PRO B 282 31.99 5.44 20.72
CA PRO B 282 30.64 4.88 20.74
C PRO B 282 29.94 5.02 19.40
N ARG B 283 29.06 4.07 19.10
CA ARG B 283 28.18 4.18 17.96
C ARG B 283 26.88 4.89 18.38
N GLY B 284 26.35 5.72 17.49
CA GLY B 284 25.08 6.37 17.73
C GLY B 284 24.01 5.72 16.87
N TYR B 285 23.26 6.56 16.16
CA TYR B 285 22.28 6.05 15.21
C TYR B 285 22.98 5.53 13.97
N ASP B 286 22.24 4.78 13.15
CA ASP B 286 22.74 4.23 11.89
C ASP B 286 23.93 3.28 12.05
N ASN B 287 24.09 2.72 13.25
CA ASN B 287 25.14 1.73 13.58
C ASN B 287 26.56 2.20 13.22
N CYS B 288 26.83 3.47 13.47
CA CYS B 288 28.18 4.00 13.27
C CYS B 288 28.43 5.20 14.17
N PRO B 289 29.71 5.57 14.36
CA PRO B 289 30.04 6.75 15.16
C PRO B 289 29.39 8.03 14.66
N PHE B 290 29.48 8.33 13.37
CA PHE B 290 28.84 9.53 12.85
C PHE B 290 28.57 9.44 11.35
N TYR B 291 27.55 10.16 10.90
CA TYR B 291 27.13 10.17 9.51
C TYR B 291 26.44 11.48 9.17
N PHE B 292 26.22 11.71 7.88
CA PHE B 292 25.41 12.85 7.44
C PHE B 292 24.91 12.67 6.02
N TRP B 293 23.83 13.39 5.71
CA TRP B 293 23.28 13.45 4.37
C TRP B 293 23.51 14.82 3.77
N PHE B 294 23.70 14.86 2.45
CA PHE B 294 23.68 16.13 1.72
C PHE B 294 23.19 15.87 0.31
N ASN B 295 22.80 16.93 -0.38
CA ASN B 295 22.35 16.82 -1.76
C ASN B 295 23.34 17.57 -2.64
N THR B 296 23.83 16.87 -3.66
CA THR B 296 24.88 17.41 -4.54
C THR B 296 24.46 18.74 -5.17
N SER B 297 23.17 18.89 -5.48
CA SER B 297 22.68 20.10 -6.14
C SER B 297 22.68 21.34 -5.25
N LEU B 298 22.74 21.12 -3.93
CA LEU B 298 22.80 22.22 -2.97
C LEU B 298 24.19 22.53 -2.41
N VAL B 299 25.23 21.83 -2.90
CA VAL B 299 26.62 22.12 -2.52
C VAL B 299 27.04 23.47 -3.13
N GLU B 300 27.68 24.31 -2.31
CA GLU B 300 28.20 25.59 -2.80
C GLU B 300 29.72 25.53 -2.98
N GLY B 301 30.17 25.92 -4.17
CA GLY B 301 31.60 25.82 -4.51
C GLY B 301 32.09 24.38 -4.55
N ASP B 302 33.29 24.17 -4.02
CA ASP B 302 33.98 22.89 -4.14
C ASP B 302 34.03 22.08 -2.83
N HIS B 303 33.22 22.45 -1.86
CA HIS B 303 33.22 21.73 -0.60
C HIS B 303 31.93 21.87 0.19
N VAL B 304 31.78 20.98 1.16
CA VAL B 304 30.78 21.20 2.20
C VAL B 304 31.49 20.92 3.53
N THR B 305 31.36 21.87 4.46
CA THR B 305 31.94 21.72 5.79
C THR B 305 30.82 21.73 6.81
N LEU B 306 30.83 20.71 7.67
CA LEU B 306 29.81 20.58 8.69
C LEU B 306 30.41 20.69 10.06
N LYS B 307 29.78 21.49 10.91
CA LYS B 307 30.18 21.65 12.31
C LYS B 307 29.61 20.50 13.13
N ARG B 308 30.05 20.38 14.38
CA ARG B 308 29.59 19.32 15.27
C ARG B 308 28.07 19.18 15.30
N GLU B 309 27.40 20.32 15.48
CA GLU B 309 25.94 20.37 15.59
C GLU B 309 25.24 19.95 14.29
N GLU B 310 25.99 19.94 13.19
CA GLU B 310 25.45 19.65 11.86
C GLU B 310 25.71 18.22 11.41
N ILE B 311 26.26 17.39 12.30
CA ILE B 311 26.62 16.01 11.98
C ILE B 311 25.75 15.07 12.82
N ASP B 312 25.25 13.99 12.20
CA ASP B 312 24.39 13.04 12.90
C ASP B 312 25.17 12.13 13.85
N ASN B 313 24.83 12.28 15.15
CA ASN B 313 25.39 11.61 16.35
C ASN B 313 26.21 12.56 17.23
N PRO B 314 27.18 13.32 16.63
CA PRO B 314 27.84 14.35 17.44
C PRO B 314 26.90 15.49 17.87
N HIS B 315 25.76 15.61 17.20
CA HIS B 315 24.73 16.60 17.56
C HIS B 315 24.23 16.43 18.99
N LYS B 316 24.33 15.19 19.51
CA LYS B 316 23.93 14.87 20.89
C LYS B 316 24.94 15.35 21.91
N LYS B 317 24.50 16.18 22.84
CA LYS B 317 25.43 16.75 23.85
C LYS B 317 26.17 15.71 24.71
N LYS B 318 25.59 14.51 24.84
CA LYS B 318 26.25 13.44 25.62
C LYS B 318 27.58 12.99 25.01
N THR B 319 27.79 13.35 23.74
CA THR B 319 29.00 12.95 23.02
C THR B 319 30.08 14.03 23.01
N TRP B 320 29.86 15.13 23.74
CA TRP B 320 30.72 16.31 23.59
C TRP B 320 32.14 16.28 24.18
N LYS B 321 32.45 15.28 25.00
CA LYS B 321 33.86 15.11 25.40
CA LYS B 321 33.83 15.00 25.45
C LYS B 321 34.62 14.33 24.34
N ILE B 322 33.90 13.66 23.45
CA ILE B 322 34.50 12.95 22.32
C ILE B 322 34.61 13.91 21.16
N TYR B 323 33.48 14.53 20.79
CA TYR B 323 33.45 15.51 19.71
C TYR B 323 33.47 16.90 20.31
N ARG B 324 34.63 17.55 20.20
CA ARG B 324 34.81 18.88 20.81
C ARG B 324 34.19 19.95 19.93
N ASP B 325 34.12 21.19 20.41
CA ASP B 325 33.33 22.20 19.70
C ASP B 325 33.91 22.63 18.35
N ASN B 326 35.19 22.31 18.14
CA ASN B 326 35.86 22.53 16.86
C ASN B 326 35.93 21.29 15.94
N PHE B 327 35.24 20.21 16.33
CA PHE B 327 35.10 19.03 15.49
C PHE B 327 34.29 19.38 14.24
N THR B 328 34.89 19.16 13.08
CA THR B 328 34.23 19.39 11.79
C THR B 328 34.59 18.31 10.80
N VAL B 329 33.72 18.10 9.82
CA VAL B 329 34.01 17.22 8.70
C VAL B 329 33.80 18.05 7.44
N LYS B 330 34.78 18.01 6.55
CA LYS B 330 34.69 18.69 5.27
C LYS B 330 34.90 17.72 4.12
N LEU B 331 34.00 17.75 3.15
CA LEU B 331 34.22 17.01 1.92
C LEU B 331 34.66 17.96 0.83
N THR B 332 35.70 17.58 0.09
CA THR B 332 36.12 18.35 -1.07
C THR B 332 35.67 17.61 -2.33
N PHE B 333 35.18 18.38 -3.31
CA PHE B 333 34.61 17.83 -4.54
C PHE B 333 35.32 18.33 -5.78
N SER B 334 35.26 17.53 -6.83
CA SER B 334 35.55 17.98 -8.17
C SER B 334 34.23 17.96 -8.95
N ASP B 335 34.08 18.89 -9.89
CA ASP B 335 32.92 18.90 -10.75
C ASP B 335 33.04 17.76 -11.76
N ALA B 336 31.94 17.02 -11.95
CA ALA B 336 31.94 15.83 -12.81
C ALA B 336 30.89 15.92 -13.93
N GLU B 337 30.54 17.14 -14.33
CA GLU B 337 29.56 17.34 -15.40
C GLU B 337 30.17 16.95 -16.76
N ASP B 338 31.46 16.63 -16.74
CA ASP B 338 32.25 16.26 -17.92
C ASP B 338 31.57 15.22 -18.81
C1 I3P C . -13.87 -17.21 -0.14
C2 I3P C . -13.77 -17.08 1.39
C3 I3P C . -15.16 -17.15 2.02
C4 I3P C . -15.89 -18.43 1.60
C5 I3P C . -16.02 -18.51 0.08
C6 I3P C . -14.63 -18.45 -0.57
O1 I3P C . -12.58 -17.29 -0.71
O2 I3P C . -12.93 -18.11 1.92
O3 I3P C . -15.08 -17.07 3.45
O4 I3P C . -17.20 -18.44 2.15
O5 I3P C . -16.74 -19.68 -0.31
O6 I3P C . -14.75 -18.41 -1.99
P1 I3P C . -11.88 -15.98 -1.35
O11 I3P C . -10.72 -16.56 -2.13
O12 I3P C . -12.92 -15.33 -2.21
O13 I3P C . -11.46 -15.19 -0.12
P4 I3P C . -17.54 -19.32 3.47
O41 I3P C . -18.93 -18.79 3.76
O42 I3P C . -16.46 -18.95 4.45
O43 I3P C . -17.45 -20.74 3.00
P5 I3P C . -17.65 -19.68 -1.63
O51 I3P C . -18.67 -20.75 -1.40
O52 I3P C . -18.19 -18.29 -1.77
O53 I3P C . -16.68 -20.00 -2.76
C1 I3P D . -10.34 -11.33 11.85
C2 I3P D . -11.05 -10.02 11.53
C3 I3P D . -11.76 -10.11 10.18
C4 I3P D . -12.73 -11.28 10.07
C5 I3P D . -12.24 -12.61 10.67
C6 I3P D . -11.32 -12.52 11.89
O1 I3P D . -9.68 -11.24 13.11
O2 I3P D . -11.99 -9.69 12.56
O3 I3P D . -12.46 -8.89 9.94
O4 I3P D . -13.01 -11.51 8.69
O5 I3P D . -13.39 -13.37 11.07
O6 I3P D . -10.55 -13.73 11.98
P1 I3P D . -8.32 -10.38 13.32
O11 I3P D . -7.53 -11.22 14.30
O12 I3P D . -7.69 -10.28 11.95
O13 I3P D . -8.81 -9.07 13.88
P4 I3P D . -14.36 -10.99 7.99
O41 I3P D . -15.47 -11.52 8.86
O42 I3P D . -14.31 -11.62 6.62
O43 I3P D . -14.24 -9.49 7.98
P5 I3P D . -13.78 -14.77 10.37
O51 I3P D . -14.71 -15.41 11.37
O52 I3P D . -12.47 -15.49 10.17
O53 I3P D . -14.47 -14.35 9.09
C1 I3P E . 11.88 8.76 15.94
C2 I3P E . 11.57 7.45 16.66
C3 I3P E . 12.84 6.83 17.23
C4 I3P E . 13.60 7.82 18.14
C5 I3P E . 13.93 9.11 17.37
C6 I3P E . 12.63 9.72 16.86
O1 I3P E . 10.66 9.38 15.51
O2 I3P E . 10.66 7.71 17.73
O3 I3P E . 12.46 5.68 17.98
O4 I3P E . 14.81 7.26 18.65
O5 I3P E . 14.60 10.02 18.24
O6 I3P E . 12.91 10.90 16.11
P1 I3P E . 10.23 9.25 13.97
O11 I3P E . 9.20 10.33 13.77
O12 I3P E . 11.49 9.42 13.16
O13 I3P E . 9.66 7.86 13.93
P4 I3P E . 14.90 6.74 20.18
O41 I3P E . 16.27 6.13 20.16
O42 I3P E . 13.76 5.75 20.33
O43 I3P E . 14.76 7.96 21.05
P5 I3P E . 15.67 11.08 17.68
O51 I3P E . 16.48 11.41 18.89
O52 I3P E . 16.42 10.38 16.58
O53 I3P E . 14.84 12.23 17.16
C1 I3P F . 7.04 -3.09 18.41
C2 I3P F . 7.11 -3.20 16.88
C3 I3P F . 7.99 -2.12 16.27
C4 I3P F . 9.37 -2.06 16.92
C5 I3P F . 9.27 -1.95 18.45
C6 I3P F . 8.44 -3.08 19.04
O1 I3P F . 6.24 -4.13 18.97
O2 I3P F . 7.56 -4.50 16.50
O3 I3P F . 8.13 -2.37 14.86
O4 I3P F . 10.11 -0.94 16.41
O5 I3P F . 10.58 -1.95 19.02
O6 I3P F . 8.33 -2.92 20.45
P1 I3P F . 4.64 -3.98 19.12
O11 I3P F . 4.10 -4.34 17.75
O12 I3P F . 4.28 -4.96 20.21
O13 I3P F . 4.42 -2.52 19.51
P4 I3P F . 11.20 -1.10 15.23
O41 I3P F . 10.38 -1.14 13.97
O42 I3P F . 11.92 -2.39 15.56
O43 I3P F . 12.07 0.13 15.36
P5 I3P F . 11.02 -0.92 20.19
O51 I3P F . 10.51 -1.57 21.47
O52 I3P F . 10.34 0.38 19.86
O53 I3P F . 12.53 -0.88 20.08
#